data_4EMS
#
_entry.id   4EMS
#
_cell.length_a   76.149
_cell.length_b   104.562
_cell.length_c   109.875
_cell.angle_alpha   90.000
_cell.angle_beta   90.000
_cell.angle_gamma   90.000
#
_symmetry.space_group_name_H-M   'P 21 21 21'
#
loop_
_entity.id
_entity.type
_entity.pdbx_description
1 polymer 'Coniferyl alcohol 9-O-methyltransferase'
2 non-polymer GLYCEROL
3 water water
#
_entity_poly.entity_id   1
_entity_poly.type   'polypeptide(L)'
_entity_poly.pdbx_seq_one_letter_code
;MGSSHHHHHHSSGLVPRGSHMDAATAVELLDAQPQVWHHFLGYINSMTLQCALELDIADVIHRHGHPIPLNQLAAALEIP
QTKAPFLSRLMRMLVHLGYFTQVITKPEDENDDVLPSYWLAPLSRLLLKQNPYNARSLTFCSVHEHLVDPWRQMSAWLRT
GKEDGKDTPNAFAFAHEGKKVYEVCSEDANFSQLFSEGMAGDSWLFSRALVSKCRDAFEGLSSLVDVGGGTGNTSKVIAE
TFPNIHCTVFDLPHVVSGPKQTHPNLDYESGNMFTDEIPHADAVLFKWVLCDWPDEPVLKMLKQCKKALTKNGVKGKLMI
ADHVLDHESCNDSNSMGTSLILDMLFMSFLEGSLRTEKQWAKLFAEAGFKDYKITPVGGLRVLIEVYP
;
_entity_poly.pdbx_strand_id   A,B
#
# COMPACT_ATOMS: atom_id res chain seq x y z
N MET A 21 3.43 -32.85 -0.59
CA MET A 21 4.32 -31.74 -0.89
C MET A 21 5.71 -31.94 -0.32
N ASP A 22 6.73 -31.87 -1.18
CA ASP A 22 8.08 -32.05 -0.70
C ASP A 22 8.61 -30.80 0.01
N ALA A 23 9.68 -30.99 0.75
CA ALA A 23 10.25 -29.93 1.56
C ALA A 23 10.63 -28.72 0.73
N ALA A 24 11.26 -28.97 -0.42
CA ALA A 24 11.70 -27.87 -1.29
C ALA A 24 10.51 -26.99 -1.69
N THR A 25 9.38 -27.62 -1.97
CA THR A 25 8.18 -26.88 -2.36
C THR A 25 7.64 -26.06 -1.19
N ALA A 26 7.62 -26.64 0.00
CA ALA A 26 7.15 -25.93 1.18
C ALA A 26 8.04 -24.71 1.44
N VAL A 27 9.35 -24.86 1.30
CA VAL A 27 10.26 -23.76 1.55
C VAL A 27 10.05 -22.65 0.52
N GLU A 28 9.91 -23.05 -0.75
CA GLU A 28 9.62 -22.09 -1.81
C GLU A 28 8.36 -21.29 -1.52
N LEU A 29 7.30 -21.98 -1.10
CA LEU A 29 6.03 -21.31 -0.83
C LEU A 29 6.15 -20.41 0.39
N LEU A 30 6.88 -20.87 1.40
CA LEU A 30 7.09 -20.07 2.61
C LEU A 30 7.83 -18.79 2.26
N ASP A 31 8.81 -18.88 1.36
CA ASP A 31 9.59 -17.72 0.96
C ASP A 31 8.83 -16.77 0.01
N ALA A 32 7.76 -17.28 -0.59
CA ALA A 32 6.90 -16.46 -1.45
C ALA A 32 5.83 -15.73 -0.64
N GLN A 33 5.49 -16.28 0.52
CA GLN A 33 4.43 -15.73 1.34
C GLN A 33 4.60 -14.24 1.71
N PRO A 34 5.83 -13.80 2.05
CA PRO A 34 5.99 -12.38 2.40
C PRO A 34 5.63 -11.44 1.25
N GLN A 35 5.70 -11.90 0.01
CA GLN A 35 5.28 -11.05 -1.10
C GLN A 35 3.80 -10.75 -0.98
N VAL A 36 3.03 -11.75 -0.58
CA VAL A 36 1.59 -11.59 -0.41
C VAL A 36 1.30 -10.72 0.82
N TRP A 37 2.02 -10.96 1.90
CA TRP A 37 1.88 -10.13 3.10
C TRP A 37 2.13 -8.68 2.73
N HIS A 38 3.15 -8.45 1.91
CA HIS A 38 3.52 -7.07 1.56
C HIS A 38 2.39 -6.42 0.76
N HIS A 39 1.73 -7.21 -0.07
CA HIS A 39 0.58 -6.70 -0.81
C HIS A 39 -0.57 -6.32 0.13
N PHE A 40 -1.02 -7.26 0.98
CA PHE A 40 -2.18 -6.94 1.79
C PHE A 40 -1.89 -5.92 2.91
N LEU A 41 -0.62 -5.77 3.27
CA LEU A 41 -0.24 -4.74 4.24
C LEU A 41 0.18 -3.43 3.57
N GLY A 42 -0.15 -3.26 2.30
CA GLY A 42 0.20 -2.03 1.59
C GLY A 42 -0.32 -0.79 2.29
N TYR A 43 -1.48 -0.89 2.94
CA TYR A 43 -2.06 0.27 3.61
C TYR A 43 -1.15 0.79 4.72
N ILE A 44 -0.27 -0.06 5.23
CA ILE A 44 0.69 0.37 6.26
C ILE A 44 1.63 1.47 5.72
N ASN A 45 2.06 1.35 4.47
CA ASN A 45 2.79 2.43 3.84
C ASN A 45 1.97 3.72 3.81
N SER A 46 0.70 3.61 3.43
CA SER A 46 -0.17 4.79 3.34
C SER A 46 -0.28 5.47 4.70
N MET A 47 -0.47 4.65 5.73
N MET A 47 -0.50 4.65 5.74
CA MET A 47 -0.75 5.19 7.06
CA MET A 47 -0.76 5.19 7.07
C MET A 47 0.49 5.69 7.79
C MET A 47 0.50 5.71 7.75
N THR A 48 1.64 5.09 7.52
N THR A 48 1.62 5.05 7.49
CA THR A 48 2.86 5.59 8.15
CA THR A 48 2.90 5.48 8.06
C THR A 48 3.26 6.93 7.54
C THR A 48 3.26 6.86 7.53
N LEU A 49 3.11 7.05 6.22
CA LEU A 49 3.41 8.31 5.57
C LEU A 49 2.42 9.38 6.08
N GLN A 50 1.14 9.03 6.20
CA GLN A 50 0.17 10.01 6.69
C GLN A 50 0.56 10.47 8.09
N CYS A 51 1.01 9.53 8.94
N CYS A 51 1.02 9.53 8.92
CA CYS A 51 1.46 9.91 10.28
CA CYS A 51 1.47 9.86 10.26
C CYS A 51 2.62 10.90 10.21
C CYS A 51 2.62 10.85 10.23
N ALA A 52 3.58 10.62 9.34
CA ALA A 52 4.73 11.50 9.21
C ALA A 52 4.28 12.91 8.84
N LEU A 53 3.22 13.02 8.04
CA LEU A 53 2.72 14.33 7.62
C LEU A 53 1.94 14.99 8.75
N GLU A 54 1.12 14.21 9.44
CA GLU A 54 0.32 14.75 10.55
C GLU A 54 1.22 15.30 11.63
N LEU A 55 2.32 14.61 11.88
CA LEU A 55 3.26 15.01 12.93
C LEU A 55 4.24 16.09 12.44
N ASP A 56 4.18 16.40 11.15
CA ASP A 56 5.08 17.38 10.54
C ASP A 56 6.55 17.01 10.70
N ILE A 57 6.86 15.72 10.63
CA ILE A 57 8.24 15.29 10.90
C ILE A 57 9.28 15.99 10.02
N ALA A 58 9.03 16.03 8.70
CA ALA A 58 10.01 16.63 7.79
C ALA A 58 10.31 18.09 8.10
N ASP A 59 9.25 18.86 8.36
CA ASP A 59 9.39 20.27 8.66
C ASP A 59 10.11 20.49 9.99
N VAL A 60 9.81 19.64 10.97
CA VAL A 60 10.43 19.76 12.27
C VAL A 60 11.93 19.49 12.15
N ILE A 61 12.30 18.42 11.44
CA ILE A 61 13.71 18.11 11.27
C ILE A 61 14.40 19.21 10.47
N HIS A 62 13.74 19.67 9.40
CA HIS A 62 14.30 20.74 8.57
C HIS A 62 14.61 21.98 9.40
N ARG A 63 13.66 22.38 10.25
CA ARG A 63 13.84 23.58 11.06
C ARG A 63 14.98 23.40 12.05
N HIS A 64 15.16 22.17 12.52
CA HIS A 64 16.22 21.88 13.47
C HIS A 64 17.58 22.20 12.83
N GLY A 65 17.70 21.92 11.54
CA GLY A 65 18.83 22.40 10.75
C GLY A 65 20.04 21.49 10.70
N HIS A 66 20.05 20.47 11.56
CA HIS A 66 21.09 19.46 11.57
C HIS A 66 20.48 18.20 12.19
N PRO A 67 21.22 17.08 12.17
CA PRO A 67 20.58 15.84 12.61
C PRO A 67 20.10 15.93 14.06
N ILE A 68 18.93 15.34 14.33
CA ILE A 68 18.26 15.53 15.61
C ILE A 68 18.17 14.20 16.34
N PRO A 69 18.64 14.17 17.59
CA PRO A 69 18.53 12.97 18.44
C PRO A 69 17.07 12.59 18.70
N LEU A 70 16.83 11.30 18.91
CA LEU A 70 15.47 10.78 19.11
C LEU A 70 14.71 11.50 20.23
N ASN A 71 15.36 11.74 21.36
CA ASN A 71 14.66 12.38 22.48
C ASN A 71 14.23 13.82 22.16
N GLN A 72 15.12 14.55 21.49
CA GLN A 72 14.80 15.89 21.06
C GLN A 72 13.71 15.89 20.00
N LEU A 73 13.75 14.89 19.11
CA LEU A 73 12.71 14.76 18.10
C LEU A 73 11.35 14.49 18.76
N ALA A 74 11.30 13.57 19.71
CA ALA A 74 10.03 13.31 20.39
C ALA A 74 9.48 14.60 20.98
N ALA A 75 10.33 15.36 21.68
CA ALA A 75 9.87 16.60 22.29
C ALA A 75 9.36 17.58 21.23
N ALA A 76 10.07 17.67 20.12
CA ALA A 76 9.69 18.62 19.08
C ALA A 76 8.36 18.22 18.43
N LEU A 77 8.03 16.93 18.49
CA LEU A 77 6.79 16.43 17.91
C LEU A 77 5.65 16.38 18.93
N GLU A 78 5.92 16.83 20.16
CA GLU A 78 4.98 16.72 21.28
C GLU A 78 4.61 15.28 21.60
N ILE A 79 5.57 14.38 21.37
CA ILE A 79 5.43 12.99 21.77
C ILE A 79 6.13 12.81 23.11
N PRO A 80 5.41 12.30 24.11
CA PRO A 80 6.03 12.12 25.44
C PRO A 80 7.25 11.20 25.36
N GLN A 81 8.23 11.43 26.23
CA GLN A 81 9.46 10.63 26.20
C GLN A 81 9.15 9.14 26.37
N THR A 82 8.09 8.83 27.12
CA THR A 82 7.70 7.44 27.30
C THR A 82 7.32 6.74 25.99
N LYS A 83 6.95 7.50 24.96
CA LYS A 83 6.56 6.89 23.69
C LYS A 83 7.69 6.98 22.67
N ALA A 84 8.84 7.54 23.07
CA ALA A 84 9.97 7.63 22.14
C ALA A 84 10.34 6.29 21.44
N PRO A 85 10.25 5.15 22.17
CA PRO A 85 10.58 3.88 21.51
C PRO A 85 9.68 3.57 20.30
N PHE A 86 8.42 3.98 20.37
CA PHE A 86 7.51 3.80 19.25
C PHE A 86 7.85 4.75 18.11
N LEU A 87 8.19 5.98 18.46
CA LEU A 87 8.65 6.93 17.45
C LEU A 87 9.89 6.41 16.72
N SER A 88 10.82 5.83 17.47
CA SER A 88 12.02 5.24 16.88
C SER A 88 11.65 4.21 15.81
N ARG A 89 10.65 3.38 16.11
CA ARG A 89 10.25 2.35 15.14
C ARG A 89 9.55 2.94 13.93
N LEU A 90 8.72 3.96 14.16
CA LEU A 90 8.14 4.68 13.02
C LEU A 90 9.24 5.30 12.15
N MET A 91 10.23 5.93 12.78
CA MET A 91 11.32 6.53 12.01
C MET A 91 12.10 5.48 11.20
N ARG A 92 12.34 4.32 11.82
CA ARG A 92 13.05 3.24 11.13
C ARG A 92 12.29 2.87 9.85
N MET A 93 10.97 2.82 9.94
CA MET A 93 10.14 2.54 8.76
C MET A 93 10.32 3.63 7.71
N LEU A 94 10.24 4.88 8.15
CA LEU A 94 10.30 6.02 7.23
C LEU A 94 11.69 6.18 6.62
N VAL A 95 12.72 5.80 7.36
CA VAL A 95 14.07 5.74 6.80
C VAL A 95 14.13 4.70 5.68
N HIS A 96 13.55 3.52 5.91
CA HIS A 96 13.54 2.50 4.87
C HIS A 96 12.81 3.00 3.63
N LEU A 97 11.70 3.70 3.83
CA LEU A 97 10.91 4.20 2.70
C LEU A 97 11.66 5.26 1.90
N GLY A 98 12.61 5.92 2.57
CA GLY A 98 13.52 6.82 1.89
C GLY A 98 13.33 8.29 2.21
N TYR A 99 12.52 8.61 3.22
CA TYR A 99 12.24 10.01 3.52
C TYR A 99 13.29 10.61 4.43
N PHE A 100 13.79 9.81 5.36
CA PHE A 100 14.75 10.31 6.32
C PHE A 100 15.97 9.42 6.34
N THR A 101 17.03 9.90 6.99
N THR A 101 17.02 9.88 7.02
CA THR A 101 18.22 9.11 7.19
CA THR A 101 18.25 9.10 7.15
C THR A 101 18.48 9.00 8.68
C THR A 101 18.74 9.11 8.59
N GLN A 102 19.21 7.96 9.08
CA GLN A 102 19.72 7.88 10.43
C GLN A 102 21.20 8.17 10.35
N VAL A 103 21.62 9.23 11.02
CA VAL A 103 23.02 9.63 10.98
C VAL A 103 23.73 8.99 12.16
N ILE A 104 24.73 8.17 11.84
CA ILE A 104 25.44 7.43 12.87
C ILE A 104 26.41 8.35 13.58
N THR A 105 26.39 8.34 14.90
CA THR A 105 27.26 9.21 15.68
C THR A 105 28.28 8.44 16.50
N LYS A 106 27.97 7.18 16.80
CA LYS A 106 28.88 6.34 17.58
C LYS A 106 29.07 4.95 16.98
N PRO A 107 30.30 4.42 17.10
CA PRO A 107 30.67 3.07 16.65
C PRO A 107 29.54 2.05 16.84
N LEU A 115 21.10 6.18 21.02
CA LEU A 115 20.17 7.25 20.69
C LEU A 115 20.34 7.65 19.24
N PRO A 116 19.37 7.25 18.39
CA PRO A 116 19.45 7.57 16.96
C PRO A 116 19.40 9.08 16.73
N SER A 117 20.11 9.57 15.72
CA SER A 117 19.87 10.93 15.23
C SER A 117 19.34 10.85 13.82
N TYR A 118 18.43 11.76 13.47
CA TYR A 118 17.79 11.67 12.16
C TYR A 118 18.00 12.93 11.34
N TRP A 119 18.11 12.73 10.02
CA TRP A 119 18.20 13.86 9.10
C TRP A 119 17.32 13.61 7.89
N LEU A 120 17.32 14.56 6.97
CA LEU A 120 16.48 14.48 5.78
C LEU A 120 17.16 13.71 4.67
N ALA A 121 16.37 12.94 3.92
CA ALA A 121 16.83 12.33 2.67
C ALA A 121 16.16 13.09 1.51
N PRO A 122 16.68 12.94 0.29
CA PRO A 122 16.19 13.76 -0.83
C PRO A 122 14.67 13.68 -1.04
N LEU A 123 14.08 12.52 -0.81
CA LEU A 123 12.64 12.38 -1.02
C LEU A 123 11.85 13.32 -0.10
N SER A 124 12.43 13.66 1.05
CA SER A 124 11.72 14.51 1.97
C SER A 124 11.46 15.91 1.42
N ARG A 125 12.15 16.29 0.34
CA ARG A 125 11.87 17.60 -0.28
C ARG A 125 10.40 17.69 -0.70
N LEU A 126 9.83 16.54 -1.02
CA LEU A 126 8.43 16.49 -1.46
C LEU A 126 7.46 16.54 -0.29
N LEU A 127 7.98 16.56 0.94
CA LEU A 127 7.11 16.61 2.11
C LEU A 127 7.10 17.97 2.81
N LEU A 128 8.04 18.84 2.46
CA LEU A 128 8.22 20.10 3.19
C LEU A 128 7.16 21.14 2.85
N LYS A 129 6.47 21.63 3.88
CA LYS A 129 5.39 22.60 3.70
C LYS A 129 5.81 23.84 2.93
N GLN A 130 7.06 24.26 3.10
CA GLN A 130 7.50 25.50 2.46
C GLN A 130 7.67 25.36 0.95
N ASN A 131 7.76 24.13 0.45
CA ASN A 131 7.94 23.90 -0.98
C ASN A 131 6.58 23.90 -1.69
N PRO A 132 6.43 24.73 -2.74
CA PRO A 132 5.11 24.84 -3.38
C PRO A 132 4.71 23.58 -4.14
N TYR A 133 5.66 22.66 -4.30
CA TYR A 133 5.41 21.41 -5.01
C TYR A 133 5.30 20.23 -4.05
N ASN A 134 5.19 20.48 -2.74
CA ASN A 134 5.09 19.37 -1.79
C ASN A 134 3.82 18.55 -2.05
N ALA A 135 3.86 17.29 -1.63
CA ALA A 135 2.78 16.35 -1.91
C ALA A 135 1.84 16.14 -0.72
N ARG A 136 1.88 17.03 0.26
CA ARG A 136 1.07 16.84 1.46
C ARG A 136 -0.43 16.75 1.18
N SER A 137 -0.97 17.72 0.46
CA SER A 137 -2.42 17.73 0.23
C SER A 137 -2.87 16.54 -0.60
N LEU A 138 -2.07 16.16 -1.58
CA LEU A 138 -2.42 15.01 -2.41
C LEU A 138 -2.41 13.74 -1.57
N THR A 139 -1.47 13.66 -0.64
CA THR A 139 -1.41 12.50 0.25
C THR A 139 -2.65 12.40 1.10
N PHE A 140 -2.98 13.51 1.77
CA PHE A 140 -4.12 13.54 2.68
C PHE A 140 -5.40 13.19 1.98
N CYS A 141 -5.63 13.73 0.78
N CYS A 141 -5.57 13.75 0.79
CA CYS A 141 -6.89 13.40 0.14
CA CYS A 141 -6.74 13.51 -0.02
C CYS A 141 -6.89 11.96 -0.39
C CYS A 141 -6.86 12.04 -0.41
N SER A 142 -5.74 11.48 -0.84
CA SER A 142 -5.68 10.12 -1.37
C SER A 142 -5.91 9.01 -0.34
N VAL A 143 -5.51 9.27 0.90
CA VAL A 143 -5.68 8.27 1.96
C VAL A 143 -6.88 8.57 2.85
N HIS A 144 -7.66 9.59 2.48
CA HIS A 144 -8.85 9.97 3.23
C HIS A 144 -9.88 8.86 3.20
N GLU A 145 -10.70 8.76 4.25
CA GLU A 145 -11.72 7.71 4.30
C GLU A 145 -12.69 7.79 3.11
N HIS A 146 -12.92 9.00 2.60
CA HIS A 146 -13.81 9.16 1.43
C HIS A 146 -13.30 8.31 0.27
N LEU A 147 -11.99 8.19 0.14
CA LEU A 147 -11.40 7.46 -0.99
C LEU A 147 -11.07 6.00 -0.66
N VAL A 148 -10.75 5.73 0.60
CA VAL A 148 -10.42 4.37 1.01
C VAL A 148 -11.68 3.50 1.20
N ASP A 149 -12.68 4.03 1.90
CA ASP A 149 -13.84 3.25 2.26
C ASP A 149 -14.61 2.60 1.09
N PRO A 150 -14.71 3.30 -0.05
CA PRO A 150 -15.50 2.69 -1.13
C PRO A 150 -14.92 1.35 -1.63
N TRP A 151 -13.61 1.13 -1.44
CA TRP A 151 -13.03 -0.16 -1.83
C TRP A 151 -13.67 -1.35 -1.13
N ARG A 152 -14.25 -1.12 0.04
CA ARG A 152 -14.91 -2.20 0.77
C ARG A 152 -16.24 -2.59 0.11
N GLN A 153 -16.65 -1.82 -0.89
CA GLN A 153 -17.85 -2.13 -1.66
C GLN A 153 -17.55 -2.32 -3.14
N MET A 154 -16.26 -2.41 -3.49
CA MET A 154 -15.86 -2.57 -4.89
C MET A 154 -16.40 -3.86 -5.51
N SER A 155 -16.32 -4.96 -4.78
CA SER A 155 -16.85 -6.23 -5.30
C SER A 155 -18.34 -6.13 -5.57
N ALA A 156 -19.08 -5.51 -4.65
CA ALA A 156 -20.51 -5.35 -4.80
C ALA A 156 -20.83 -4.46 -6.00
N TRP A 157 -20.06 -3.38 -6.16
CA TRP A 157 -20.26 -2.48 -7.29
C TRP A 157 -19.97 -3.20 -8.62
N LEU A 158 -18.89 -3.98 -8.66
CA LEU A 158 -18.57 -4.74 -9.88
C LEU A 158 -19.69 -5.70 -10.27
N ARG A 159 -20.43 -6.17 -9.26
CA ARG A 159 -21.52 -7.13 -9.50
C ARG A 159 -22.88 -6.46 -9.71
N THR A 160 -22.89 -5.14 -9.77
CA THR A 160 -24.14 -4.40 -9.94
C THR A 160 -24.43 -4.13 -11.40
N GLY A 161 -25.61 -4.52 -11.84
CA GLY A 161 -26.04 -4.31 -13.21
C GLY A 161 -26.86 -3.04 -13.30
N LYS A 162 -27.27 -2.68 -14.52
CA LYS A 162 -28.05 -1.46 -14.73
C LYS A 162 -29.53 -1.67 -14.40
N GLU A 163 -29.99 -2.91 -14.53
CA GLU A 163 -31.42 -3.23 -14.42
C GLU A 163 -32.09 -2.75 -13.14
N ASP A 164 -31.63 -3.24 -11.99
CA ASP A 164 -32.29 -2.97 -10.72
C ASP A 164 -32.27 -1.49 -10.31
N GLY A 165 -31.40 -0.71 -10.94
CA GLY A 165 -31.38 0.73 -10.71
C GLY A 165 -30.55 1.18 -9.52
N LYS A 166 -29.67 0.32 -9.03
CA LYS A 166 -28.83 0.67 -7.89
C LYS A 166 -27.42 1.06 -8.34
N ASP A 167 -27.22 1.03 -9.65
CA ASP A 167 -25.88 1.23 -10.22
C ASP A 167 -25.43 2.69 -10.13
N THR A 168 -24.11 2.87 -10.17
CA THR A 168 -23.48 4.17 -10.08
C THR A 168 -22.28 4.15 -11.01
N PRO A 169 -21.76 5.33 -11.37
CA PRO A 169 -20.61 5.41 -12.26
C PRO A 169 -19.35 4.77 -11.68
N ASN A 170 -19.21 4.76 -10.36
CA ASN A 170 -18.02 4.17 -9.74
C ASN A 170 -18.31 3.72 -8.31
N ALA A 171 -17.33 3.07 -7.68
CA ALA A 171 -17.51 2.58 -6.33
C ALA A 171 -17.66 3.73 -5.33
N PHE A 172 -17.00 4.85 -5.60
CA PHE A 172 -17.09 6.00 -4.71
C PHE A 172 -18.55 6.45 -4.59
N ALA A 173 -19.21 6.65 -5.73
CA ALA A 173 -20.61 7.02 -5.71
C ALA A 173 -21.47 5.91 -5.11
N PHE A 174 -21.08 4.66 -5.35
CA PHE A 174 -21.82 3.52 -4.81
C PHE A 174 -21.86 3.61 -3.28
N ALA A 175 -20.75 4.07 -2.70
CA ALA A 175 -20.58 4.16 -1.24
C ALA A 175 -20.98 5.52 -0.67
N HIS A 176 -21.37 6.44 -1.53
CA HIS A 176 -21.73 7.79 -1.10
C HIS A 176 -23.13 8.18 -1.55
N GLU A 177 -24.06 7.23 -1.45
CA GLU A 177 -25.46 7.50 -1.79
C GLU A 177 -25.64 8.09 -3.19
N GLY A 178 -24.76 7.70 -4.10
CA GLY A 178 -24.88 8.11 -5.49
C GLY A 178 -24.10 9.36 -5.85
N LYS A 179 -23.46 9.96 -4.87
CA LYS A 179 -22.76 11.22 -5.09
C LYS A 179 -21.37 11.00 -5.67
N LYS A 180 -21.05 11.73 -6.73
CA LYS A 180 -19.70 11.69 -7.28
C LYS A 180 -18.76 12.54 -6.42
N VAL A 181 -17.46 12.41 -6.64
CA VAL A 181 -16.49 13.12 -5.79
C VAL A 181 -16.70 14.63 -5.82
N TYR A 182 -17.17 15.14 -6.96
CA TYR A 182 -17.37 16.57 -7.12
C TYR A 182 -18.48 17.10 -6.22
N GLU A 183 -19.53 16.30 -6.06
CA GLU A 183 -20.61 16.67 -5.15
C GLU A 183 -20.16 16.58 -3.68
N VAL A 184 -19.39 15.56 -3.36
CA VAL A 184 -18.85 15.41 -2.00
C VAL A 184 -17.92 16.57 -1.69
N CYS A 185 -17.12 17.00 -2.67
CA CYS A 185 -16.28 18.18 -2.50
C CYS A 185 -17.09 19.44 -2.27
N SER A 186 -18.20 19.57 -2.99
CA SER A 186 -19.02 20.77 -2.88
C SER A 186 -19.61 20.86 -1.47
N GLU A 187 -19.71 19.70 -0.82
CA GLU A 187 -20.27 19.63 0.52
C GLU A 187 -19.21 19.69 1.62
N ASP A 188 -17.96 19.43 1.25
CA ASP A 188 -16.87 19.44 2.23
C ASP A 188 -15.69 20.28 1.75
N ALA A 189 -15.66 21.53 2.21
CA ALA A 189 -14.67 22.49 1.73
C ALA A 189 -13.24 22.10 2.06
N ASN A 190 -13.03 21.52 3.23
CA ASN A 190 -11.69 21.08 3.63
C ASN A 190 -11.19 19.99 2.69
N PHE A 191 -12.06 19.02 2.44
CA PHE A 191 -11.77 17.92 1.54
C PHE A 191 -11.51 18.42 0.12
N SER A 192 -12.36 19.33 -0.35
CA SER A 192 -12.20 19.90 -1.69
CA SER A 192 -12.20 19.90 -1.69
C SER A 192 -10.87 20.63 -1.85
N GLN A 193 -10.45 21.34 -0.80
CA GLN A 193 -9.22 22.12 -0.84
C GLN A 193 -8.00 21.21 -1.00
N LEU A 194 -8.07 20.02 -0.42
CA LEU A 194 -6.96 19.07 -0.54
C LEU A 194 -6.71 18.70 -2.00
N PHE A 195 -7.77 18.39 -2.73
CA PHE A 195 -7.65 18.07 -4.15
C PHE A 195 -7.07 19.23 -4.95
N SER A 196 -7.61 20.43 -4.72
CA SER A 196 -7.17 21.62 -5.44
C SER A 196 -5.68 21.85 -5.22
N GLU A 197 -5.28 21.85 -3.96
CA GLU A 197 -3.88 22.05 -3.63
C GLU A 197 -3.00 20.95 -4.23
N GLY A 198 -3.52 19.72 -4.22
CA GLY A 198 -2.78 18.58 -4.74
C GLY A 198 -2.44 18.73 -6.21
N MET A 199 -3.44 19.12 -7.00
N MET A 199 -3.44 19.11 -7.00
CA MET A 199 -3.25 19.32 -8.42
CA MET A 199 -3.26 19.34 -8.42
C MET A 199 -2.33 20.51 -8.71
C MET A 199 -2.33 20.50 -8.70
N ALA A 200 -2.48 21.58 -7.93
CA ALA A 200 -1.63 22.77 -8.10
C ALA A 200 -0.16 22.45 -7.86
N GLY A 201 0.11 21.71 -6.79
CA GLY A 201 1.47 21.28 -6.51
C GLY A 201 2.11 20.50 -7.66
N ASP A 202 1.38 19.53 -8.20
CA ASP A 202 1.90 18.76 -9.31
C ASP A 202 2.14 19.64 -10.55
N SER A 203 1.21 20.55 -10.82
CA SER A 203 1.35 21.42 -11.98
C SER A 203 2.58 22.30 -11.89
N TRP A 204 2.94 22.70 -10.67
CA TRP A 204 4.10 23.57 -10.50
C TRP A 204 5.35 22.85 -11.02
N LEU A 205 5.50 21.59 -10.65
CA LEU A 205 6.65 20.81 -11.09
C LEU A 205 6.54 20.38 -12.54
N PHE A 206 5.35 19.90 -12.91
CA PHE A 206 5.19 19.31 -14.24
C PHE A 206 5.40 20.38 -15.32
N SER A 207 4.89 21.58 -15.08
CA SER A 207 4.99 22.64 -16.10
C SER A 207 6.43 23.02 -16.40
N ARG A 208 7.25 23.06 -15.36
CA ARG A 208 8.65 23.40 -15.52
C ARG A 208 9.41 22.33 -16.31
N ALA A 209 9.07 21.07 -16.09
CA ALA A 209 9.63 19.98 -16.91
C ALA A 209 9.14 20.12 -18.34
N LEU A 210 7.84 20.38 -18.48
CA LEU A 210 7.18 20.41 -19.78
C LEU A 210 7.82 21.44 -20.72
N VAL A 211 8.01 22.66 -20.24
CA VAL A 211 8.55 23.72 -21.10
C VAL A 211 10.02 23.50 -21.46
N SER A 212 10.71 22.70 -20.66
CA SER A 212 12.08 22.33 -20.98
C SER A 212 12.13 21.16 -21.96
N LYS A 213 11.47 20.06 -21.59
CA LYS A 213 11.59 18.85 -22.38
C LYS A 213 10.83 18.92 -23.69
N CYS A 214 9.83 19.79 -23.74
CA CYS A 214 8.99 19.91 -24.93
C CYS A 214 8.99 21.33 -25.50
N ARG A 215 10.11 22.03 -25.38
CA ARG A 215 10.16 23.42 -25.81
C ARG A 215 9.66 23.61 -27.24
N ASP A 216 10.04 22.69 -28.14
CA ASP A 216 9.66 22.81 -29.55
C ASP A 216 8.16 22.74 -29.81
N ALA A 217 7.43 22.11 -28.89
CA ALA A 217 5.97 22.01 -29.04
C ALA A 217 5.29 23.36 -28.95
N PHE A 218 5.98 24.34 -28.36
CA PHE A 218 5.37 25.65 -28.16
C PHE A 218 5.75 26.65 -29.25
N GLU A 219 6.62 26.22 -30.16
CA GLU A 219 7.09 27.11 -31.23
C GLU A 219 5.93 27.52 -32.13
N GLY A 220 5.88 28.81 -32.45
CA GLY A 220 4.90 29.32 -33.40
C GLY A 220 3.51 29.55 -32.87
N LEU A 221 3.23 29.18 -31.61
CA LEU A 221 1.91 29.43 -31.04
C LEU A 221 1.71 30.89 -30.64
N SER A 222 0.51 31.41 -30.84
CA SER A 222 0.18 32.76 -30.37
CA SER A 222 0.17 32.75 -30.37
C SER A 222 -0.85 32.72 -29.24
N SER A 223 -1.43 31.54 -29.01
CA SER A 223 -2.46 31.39 -28.00
C SER A 223 -2.61 29.93 -27.59
N LEU A 224 -3.04 29.73 -26.35
CA LEU A 224 -3.21 28.40 -25.81
C LEU A 224 -4.33 28.46 -24.79
N VAL A 225 -5.20 27.45 -24.81
CA VAL A 225 -6.23 27.33 -23.78
C VAL A 225 -5.94 26.10 -22.93
N ASP A 226 -5.89 26.31 -21.62
CA ASP A 226 -5.47 25.29 -20.64
C ASP A 226 -6.76 24.82 -19.98
N VAL A 227 -7.32 23.73 -20.51
CA VAL A 227 -8.66 23.30 -20.14
C VAL A 227 -8.56 22.47 -18.87
N GLY A 228 -9.21 22.93 -17.80
CA GLY A 228 -9.02 22.33 -16.50
C GLY A 228 -7.74 22.83 -15.84
N GLY A 229 -7.32 24.04 -16.21
CA GLY A 229 -6.06 24.59 -15.74
C GLY A 229 -6.03 25.14 -14.32
N GLY A 230 -7.16 25.02 -13.63
CA GLY A 230 -7.21 25.31 -12.21
C GLY A 230 -6.70 26.70 -11.85
N THR A 231 -5.76 26.75 -10.90
CA THR A 231 -5.26 28.06 -10.44
C THR A 231 -4.01 28.53 -11.21
N GLY A 232 -3.82 27.97 -12.40
CA GLY A 232 -2.92 28.56 -13.38
C GLY A 232 -1.44 28.22 -13.29
N ASN A 233 -1.08 27.22 -12.48
CA ASN A 233 0.35 26.89 -12.36
C ASN A 233 0.99 26.49 -13.69
N THR A 234 0.26 25.74 -14.53
CA THR A 234 0.80 25.32 -15.83
C THR A 234 0.88 26.51 -16.78
N SER A 235 -0.23 27.25 -16.89
CA SER A 235 -0.24 28.36 -17.83
C SER A 235 0.73 29.48 -17.46
N LYS A 236 0.94 29.70 -16.16
CA LYS A 236 1.85 30.76 -15.73
C LYS A 236 3.25 30.48 -16.29
N VAL A 237 3.69 29.23 -16.18
CA VAL A 237 5.02 28.86 -16.65
C VAL A 237 5.12 28.95 -18.17
N ILE A 238 4.07 28.52 -18.86
CA ILE A 238 4.03 28.69 -20.31
C ILE A 238 4.10 30.15 -20.73
N ALA A 239 3.24 30.98 -20.14
CA ALA A 239 3.18 32.41 -20.46
C ALA A 239 4.53 33.09 -20.26
N GLU A 240 5.23 32.73 -19.20
CA GLU A 240 6.50 33.37 -18.89
C GLU A 240 7.62 32.89 -19.80
N THR A 241 7.55 31.62 -20.19
CA THR A 241 8.61 31.01 -21.00
C THR A 241 8.45 31.34 -22.49
N PHE A 242 7.20 31.59 -22.90
CA PHE A 242 6.88 31.83 -24.30
C PHE A 242 6.03 33.10 -24.43
N PRO A 243 6.71 34.26 -24.53
CA PRO A 243 6.00 35.55 -24.42
C PRO A 243 5.01 35.83 -25.54
N ASN A 244 5.06 35.06 -26.62
CA ASN A 244 4.10 35.27 -27.71
C ASN A 244 2.78 34.56 -27.47
N ILE A 245 2.74 33.71 -26.44
CA ILE A 245 1.54 32.92 -26.21
C ILE A 245 0.60 33.53 -25.19
N HIS A 246 -0.55 33.98 -25.65
CA HIS A 246 -1.60 34.37 -24.72
C HIS A 246 -2.27 33.11 -24.19
N CYS A 247 -2.25 32.94 -22.87
CA CYS A 247 -2.76 31.74 -22.23
C CYS A 247 -4.08 32.02 -21.55
N THR A 248 -5.07 31.15 -21.76
CA THR A 248 -6.36 31.29 -21.10
C THR A 248 -6.62 30.00 -20.33
N VAL A 249 -6.81 30.09 -19.02
CA VAL A 249 -7.23 28.93 -18.24
C VAL A 249 -8.76 28.87 -18.29
N PHE A 250 -9.29 27.70 -18.63
CA PHE A 250 -10.74 27.52 -18.74
C PHE A 250 -11.11 26.48 -17.70
N ASP A 251 -11.87 26.89 -16.68
CA ASP A 251 -12.21 25.94 -15.61
C ASP A 251 -13.52 26.38 -14.94
N LEU A 252 -13.97 25.61 -13.96
CA LEU A 252 -15.25 25.92 -13.32
C LEU A 252 -15.22 27.26 -12.56
N PRO A 253 -16.35 27.96 -12.52
CA PRO A 253 -16.37 29.29 -11.90
C PRO A 253 -15.76 29.31 -10.49
N HIS A 254 -16.10 28.33 -9.66
CA HIS A 254 -15.63 28.36 -8.28
C HIS A 254 -14.14 28.10 -8.19
N VAL A 255 -13.59 27.42 -9.20
CA VAL A 255 -12.18 27.13 -9.23
C VAL A 255 -11.35 28.39 -9.49
N VAL A 256 -11.88 29.29 -10.32
CA VAL A 256 -11.13 30.46 -10.77
C VAL A 256 -11.61 31.79 -10.16
N SER A 257 -12.29 31.72 -9.02
CA SER A 257 -12.78 32.94 -8.39
C SER A 257 -11.86 33.38 -7.25
N GLY A 258 -10.85 32.57 -6.94
CA GLY A 258 -10.00 32.86 -5.81
C GLY A 258 -8.58 33.18 -6.20
N PRO A 259 -7.67 33.16 -5.21
CA PRO A 259 -6.27 33.44 -5.57
C PRO A 259 -5.76 32.42 -6.58
N LYS A 260 -4.96 32.91 -7.52
CA LYS A 260 -4.46 32.07 -8.61
C LYS A 260 -3.28 32.78 -9.25
N GLN A 261 -2.54 32.07 -10.13
CA GLN A 261 -1.39 32.70 -10.77
C GLN A 261 -1.83 33.86 -11.65
N THR A 262 -1.04 34.93 -11.68
CA THR A 262 -1.41 36.06 -12.52
C THR A 262 -0.24 36.48 -13.41
N HIS A 263 -0.57 37.05 -14.57
CA HIS A 263 0.43 37.46 -15.55
C HIS A 263 -0.28 38.26 -16.63
N PRO A 264 0.40 39.26 -17.21
CA PRO A 264 -0.33 40.08 -18.18
C PRO A 264 -0.85 39.30 -19.39
N ASN A 265 -0.24 38.15 -19.70
CA ASN A 265 -0.68 37.37 -20.86
C ASN A 265 -1.40 36.10 -20.44
N LEU A 266 -1.91 36.10 -19.21
CA LEU A 266 -2.65 34.97 -18.65
C LEU A 266 -4.01 35.47 -18.19
N ASP A 267 -5.07 34.83 -18.65
CA ASP A 267 -6.36 35.15 -18.06
C ASP A 267 -7.20 33.92 -17.86
N TYR A 268 -8.32 34.12 -17.17
CA TYR A 268 -9.16 33.00 -16.77
C TYR A 268 -10.54 33.19 -17.33
N GLU A 269 -11.13 32.10 -17.80
N GLU A 269 -11.13 32.10 -17.83
CA GLU A 269 -12.50 32.07 -18.27
CA GLU A 269 -12.51 32.07 -18.27
C GLU A 269 -13.19 30.90 -17.60
C GLU A 269 -13.17 30.91 -17.55
N SER A 270 -14.45 31.06 -17.19
CA SER A 270 -15.14 30.01 -16.49
C SER A 270 -16.13 29.26 -17.38
N GLY A 271 -16.25 27.96 -17.13
CA GLY A 271 -17.23 27.16 -17.84
C GLY A 271 -16.98 25.69 -17.60
N ASN A 272 -17.89 24.86 -18.11
CA ASN A 272 -17.76 23.44 -17.97
C ASN A 272 -17.30 22.88 -19.32
N MET A 273 -16.17 22.17 -19.33
CA MET A 273 -15.58 21.76 -20.60
C MET A 273 -16.47 20.82 -21.40
N PHE A 274 -17.42 20.16 -20.73
CA PHE A 274 -18.29 19.23 -21.43
C PHE A 274 -19.47 19.93 -22.09
N THR A 275 -19.98 20.97 -21.45
CA THR A 275 -21.25 21.57 -21.86
C THR A 275 -21.12 23.00 -22.41
N ASP A 276 -19.95 23.60 -22.23
CA ASP A 276 -19.71 24.97 -22.68
C ASP A 276 -18.64 24.99 -23.75
N GLU A 277 -18.71 25.97 -24.65
CA GLU A 277 -17.72 26.06 -25.72
C GLU A 277 -16.35 26.39 -25.17
N ILE A 278 -15.37 25.56 -25.50
CA ILE A 278 -13.98 25.80 -25.09
C ILE A 278 -13.45 27.01 -25.87
N PRO A 279 -12.80 27.95 -25.17
CA PRO A 279 -12.24 29.14 -25.84
C PRO A 279 -11.39 28.75 -27.03
N HIS A 280 -11.36 29.60 -28.06
CA HIS A 280 -10.55 29.34 -29.24
C HIS A 280 -9.09 29.73 -29.01
N ALA A 281 -8.18 28.89 -29.49
CA ALA A 281 -6.74 29.17 -29.38
C ALA A 281 -5.97 28.35 -30.41
N ASP A 282 -4.70 28.68 -30.62
CA ASP A 282 -3.85 27.90 -31.53
C ASP A 282 -3.61 26.49 -31.00
N ALA A 283 -3.65 26.35 -29.68
CA ALA A 283 -3.46 25.05 -29.04
C ALA A 283 -4.46 24.89 -27.92
N VAL A 284 -4.99 23.67 -27.79
CA VAL A 284 -5.87 23.32 -26.68
C VAL A 284 -5.09 22.33 -25.84
N LEU A 285 -4.83 22.67 -24.58
CA LEU A 285 -4.03 21.81 -23.70
C LEU A 285 -4.90 21.14 -22.64
N PHE A 286 -4.78 19.82 -22.49
CA PHE A 286 -5.42 19.10 -21.39
C PHE A 286 -4.32 18.48 -20.55
N LYS A 287 -4.08 19.02 -19.36
CA LYS A 287 -3.03 18.48 -18.51
C LYS A 287 -3.64 17.68 -17.36
N TRP A 288 -3.47 16.36 -17.44
CA TRP A 288 -3.93 15.43 -16.40
C TRP A 288 -5.42 15.58 -16.15
N VAL A 289 -6.18 15.75 -17.22
N VAL A 289 -6.21 15.74 -17.21
CA VAL A 289 -7.61 16.02 -17.17
CA VAL A 289 -7.66 15.85 -17.01
C VAL A 289 -8.40 14.88 -17.82
C VAL A 289 -8.46 14.83 -17.83
N LEU A 290 -7.97 14.48 -19.02
CA LEU A 290 -8.71 13.49 -19.81
C LEU A 290 -8.70 12.12 -19.13
N CYS A 291 -7.68 11.86 -18.32
CA CYS A 291 -7.57 10.60 -17.60
C CYS A 291 -8.70 10.43 -16.58
N ASP A 292 -9.40 11.52 -16.26
CA ASP A 292 -10.43 11.45 -15.23
C ASP A 292 -11.78 10.99 -15.79
N TRP A 293 -11.86 10.87 -17.11
CA TRP A 293 -13.16 10.73 -17.78
C TRP A 293 -13.17 9.59 -18.80
N PRO A 294 -14.35 9.03 -19.10
CA PRO A 294 -14.43 7.90 -20.03
C PRO A 294 -14.49 8.34 -21.49
N ASP A 295 -14.38 7.36 -22.38
CA ASP A 295 -14.20 7.64 -23.80
C ASP A 295 -15.34 8.45 -24.43
N GLU A 296 -16.58 8.17 -24.04
CA GLU A 296 -17.71 8.81 -24.72
C GLU A 296 -17.69 10.36 -24.63
N PRO A 297 -17.61 10.91 -23.40
CA PRO A 297 -17.55 12.37 -23.34
C PRO A 297 -16.22 12.93 -23.81
N VAL A 298 -15.14 12.16 -23.65
CA VAL A 298 -13.84 12.64 -24.11
C VAL A 298 -13.85 12.75 -25.64
N LEU A 299 -14.39 11.73 -26.31
CA LEU A 299 -14.48 11.76 -27.77
C LEU A 299 -15.31 12.94 -28.26
N LYS A 300 -16.47 13.13 -27.65
CA LYS A 300 -17.34 14.23 -28.06
C LYS A 300 -16.58 15.56 -27.96
N MET A 301 -15.85 15.72 -26.86
CA MET A 301 -15.09 16.93 -26.64
C MET A 301 -13.93 17.08 -27.64
N LEU A 302 -13.23 15.98 -27.93
CA LEU A 302 -12.14 16.02 -28.90
C LEU A 302 -12.64 16.35 -30.31
N LYS A 303 -13.85 15.89 -30.64
CA LYS A 303 -14.44 16.22 -31.94
C LYS A 303 -14.68 17.71 -32.03
N GLN A 304 -15.16 18.30 -30.93
CA GLN A 304 -15.40 19.74 -30.88
C GLN A 304 -14.09 20.49 -31.07
N CYS A 305 -13.02 19.97 -30.49
CA CYS A 305 -11.71 20.58 -30.62
C CYS A 305 -11.18 20.48 -32.05
N LYS A 306 -11.39 19.33 -32.70
CA LYS A 306 -10.94 19.16 -34.07
C LYS A 306 -11.64 20.19 -34.98
N LYS A 307 -12.93 20.36 -34.79
CA LYS A 307 -13.66 21.36 -35.55
C LYS A 307 -13.11 22.77 -35.29
N ALA A 308 -12.89 23.11 -34.02
CA ALA A 308 -12.38 24.44 -33.67
C ALA A 308 -10.98 24.69 -34.24
N LEU A 309 -10.15 23.65 -34.20
CA LEU A 309 -8.74 23.78 -34.58
C LEU A 309 -8.53 23.73 -36.09
N THR A 310 -9.63 23.62 -36.83
CA THR A 310 -9.55 23.63 -38.29
C THR A 310 -10.46 24.71 -38.86
N LYS A 311 -10.98 25.56 -37.99
CA LYS A 311 -11.91 26.61 -38.39
C LYS A 311 -11.29 27.56 -39.42
N LYS A 315 -4.50 26.02 -39.05
CA LYS A 315 -4.80 24.83 -38.26
C LYS A 315 -4.03 24.83 -36.94
N GLY A 316 -4.72 24.58 -35.85
CA GLY A 316 -4.08 24.53 -34.55
C GLY A 316 -3.73 23.11 -34.19
N LYS A 317 -3.47 22.87 -32.91
CA LYS A 317 -3.20 21.52 -32.45
C LYS A 317 -3.69 21.27 -31.04
N LEU A 318 -3.83 19.99 -30.74
CA LEU A 318 -4.25 19.54 -29.45
C LEU A 318 -3.00 19.10 -28.69
N MET A 319 -2.92 19.45 -27.41
CA MET A 319 -1.80 19.03 -26.58
C MET A 319 -2.34 18.31 -25.34
N ILE A 320 -1.97 17.06 -25.19
CA ILE A 320 -2.46 16.28 -24.04
C ILE A 320 -1.27 15.90 -23.19
N ALA A 321 -1.23 16.39 -21.95
CA ALA A 321 -0.12 16.10 -21.06
C ALA A 321 -0.66 15.13 -20.05
N ASP A 322 -0.38 13.85 -20.23
CA ASP A 322 -1.09 12.82 -19.47
C ASP A 322 -0.34 11.51 -19.56
N HIS A 323 -0.94 10.43 -19.06
CA HIS A 323 -0.29 9.12 -19.10
C HIS A 323 -0.52 8.41 -20.43
N VAL A 324 0.55 7.88 -21.00
CA VAL A 324 0.46 6.83 -22.02
C VAL A 324 1.01 5.59 -21.34
N LEU A 325 0.10 4.70 -20.93
CA LEU A 325 0.45 3.62 -20.00
C LEU A 325 1.65 2.80 -20.43
N ASP A 326 1.75 2.52 -21.74
CA ASP A 326 2.79 1.65 -22.26
C ASP A 326 3.99 2.36 -22.89
N HIS A 327 4.11 3.65 -22.60
CA HIS A 327 5.27 4.39 -23.10
C HIS A 327 6.54 3.89 -22.45
N GLU A 328 7.63 3.90 -23.22
CA GLU A 328 8.91 3.38 -22.73
C GLU A 328 9.38 4.09 -21.46
N SER A 329 9.02 5.37 -21.31
CA SER A 329 9.50 6.15 -20.16
C SER A 329 8.90 5.70 -18.83
N CYS A 330 7.81 4.93 -18.89
CA CYS A 330 7.19 4.43 -17.66
C CYS A 330 6.99 2.90 -17.69
N ASN A 331 7.79 2.25 -18.55
CA ASN A 331 7.75 0.80 -18.79
C ASN A 331 8.37 -0.07 -17.71
N ASP A 332 9.27 0.49 -16.91
CA ASP A 332 9.96 -0.28 -15.90
C ASP A 332 8.97 -0.78 -14.86
N SER A 333 9.34 -1.84 -14.14
CA SER A 333 8.41 -2.49 -13.21
CA SER A 333 8.41 -2.48 -13.21
C SER A 333 7.88 -1.54 -12.13
N ASN A 334 8.77 -0.74 -11.55
CA ASN A 334 8.35 0.21 -10.52
C ASN A 334 7.35 1.23 -11.07
N SER A 335 7.66 1.80 -12.23
CA SER A 335 6.77 2.81 -12.82
C SER A 335 5.45 2.20 -13.23
N MET A 336 5.49 1.01 -13.83
CA MET A 336 4.27 0.35 -14.25
C MET A 336 3.40 0.05 -13.04
N GLY A 337 4.02 -0.42 -11.97
CA GLY A 337 3.29 -0.69 -10.74
C GLY A 337 2.52 0.54 -10.26
N THR A 338 3.19 1.68 -10.24
CA THR A 338 2.54 2.92 -9.82
C THR A 338 1.46 3.36 -10.80
N SER A 339 1.71 3.20 -12.09
CA SER A 339 0.67 3.55 -13.08
C SER A 339 -0.59 2.73 -12.86
N LEU A 340 -0.42 1.43 -12.59
CA LEU A 340 -1.57 0.55 -12.49
C LEU A 340 -2.32 0.84 -11.19
N ILE A 341 -1.59 1.21 -10.15
CA ILE A 341 -2.23 1.64 -8.92
C ILE A 341 -3.04 2.92 -9.17
N LEU A 342 -2.50 3.83 -9.97
CA LEU A 342 -3.28 5.03 -10.33
C LEU A 342 -4.50 4.65 -11.15
N ASP A 343 -4.33 3.68 -12.05
CA ASP A 343 -5.48 3.24 -12.84
C ASP A 343 -6.59 2.70 -11.94
N MET A 344 -6.22 1.99 -10.88
CA MET A 344 -7.20 1.52 -9.90
C MET A 344 -7.81 2.68 -9.10
N LEU A 345 -6.95 3.60 -8.66
CA LEU A 345 -7.46 4.77 -7.94
C LEU A 345 -8.51 5.49 -8.79
N PHE A 346 -8.17 5.74 -10.05
CA PHE A 346 -9.06 6.49 -10.95
C PHE A 346 -10.34 5.70 -11.21
N MET A 347 -10.24 4.39 -11.28
CA MET A 347 -11.42 3.56 -11.46
C MET A 347 -12.37 3.71 -10.28
N SER A 348 -11.82 3.87 -9.09
N SER A 348 -11.81 3.86 -9.09
CA SER A 348 -12.64 3.82 -7.88
CA SER A 348 -12.60 3.84 -7.88
C SER A 348 -13.35 5.15 -7.57
C SER A 348 -13.35 5.14 -7.61
N PHE A 349 -12.68 6.27 -7.80
CA PHE A 349 -13.28 7.55 -7.43
C PHE A 349 -13.47 8.57 -8.55
N LEU A 350 -12.91 8.30 -9.72
CA LEU A 350 -13.17 9.13 -10.89
C LEU A 350 -13.90 8.30 -11.93
N GLU A 351 -13.93 8.77 -13.16
CA GLU A 351 -14.55 7.99 -14.21
C GLU A 351 -13.55 7.75 -15.31
N GLY A 352 -12.28 7.66 -14.93
CA GLY A 352 -11.22 7.61 -15.92
C GLY A 352 -10.29 6.42 -15.76
N SER A 353 -9.14 6.52 -16.40
CA SER A 353 -8.25 5.40 -16.57
C SER A 353 -6.97 5.95 -17.16
N LEU A 354 -5.89 5.18 -17.09
CA LEU A 354 -4.68 5.54 -17.78
C LEU A 354 -4.66 4.79 -19.10
N ARG A 355 -4.78 5.54 -20.19
CA ARG A 355 -4.92 4.98 -21.50
C ARG A 355 -3.58 4.51 -22.09
N THR A 356 -3.63 3.40 -22.83
CA THR A 356 -2.49 2.94 -23.61
C THR A 356 -2.41 3.75 -24.90
N GLU A 357 -1.29 3.61 -25.62
CA GLU A 357 -1.17 4.30 -26.89
C GLU A 357 -2.30 3.87 -27.84
N LYS A 358 -2.60 2.57 -27.84
CA LYS A 358 -3.69 2.06 -28.69
C LYS A 358 -5.01 2.79 -28.42
N GLN A 359 -5.33 2.94 -27.14
CA GLN A 359 -6.58 3.62 -26.76
C GLN A 359 -6.58 5.10 -27.16
N TRP A 360 -5.45 5.79 -26.97
CA TRP A 360 -5.35 7.19 -27.36
C TRP A 360 -5.50 7.32 -28.88
N ALA A 361 -4.77 6.48 -29.61
CA ALA A 361 -4.78 6.57 -31.07
C ALA A 361 -6.19 6.36 -31.64
N LYS A 362 -6.94 5.44 -31.05
CA LYS A 362 -8.31 5.19 -31.48
C LYS A 362 -9.18 6.43 -31.30
N LEU A 363 -9.07 7.08 -30.15
CA LEU A 363 -9.80 8.33 -29.93
C LEU A 363 -9.42 9.39 -30.93
N PHE A 364 -8.12 9.54 -31.19
CA PHE A 364 -7.68 10.59 -32.14
C PHE A 364 -8.23 10.34 -33.54
N ALA A 365 -8.21 9.09 -33.96
CA ALA A 365 -8.74 8.73 -35.27
C ALA A 365 -10.24 9.00 -35.35
N GLU A 366 -10.97 8.60 -34.33
CA GLU A 366 -12.42 8.78 -34.33
C GLU A 366 -12.83 10.25 -34.24
N ALA A 367 -11.96 11.07 -33.65
CA ALA A 367 -12.23 12.52 -33.54
C ALA A 367 -11.84 13.25 -34.82
N GLY A 368 -11.19 12.54 -35.73
CA GLY A 368 -10.85 13.10 -37.02
C GLY A 368 -9.46 13.71 -37.14
N PHE A 369 -8.60 13.48 -36.15
CA PHE A 369 -7.21 13.95 -36.24
C PHE A 369 -6.37 13.07 -37.18
N LYS A 370 -5.25 13.61 -37.65
CA LYS A 370 -4.50 12.95 -38.73
C LYS A 370 -3.07 12.50 -38.37
N ASP A 371 -2.56 12.91 -37.22
CA ASP A 371 -1.16 12.63 -36.88
C ASP A 371 -0.95 12.93 -35.40
N TYR A 372 0.10 12.36 -34.81
CA TYR A 372 0.44 12.70 -33.43
C TYR A 372 1.91 12.49 -33.17
N LYS A 373 2.38 13.07 -32.07
CA LYS A 373 3.77 12.92 -31.65
C LYS A 373 3.83 12.87 -30.14
N ILE A 374 4.54 11.89 -29.61
CA ILE A 374 4.65 11.70 -28.16
C ILE A 374 6.07 12.01 -27.71
N THR A 375 6.19 12.90 -26.72
CA THR A 375 7.50 13.28 -26.17
C THR A 375 7.43 13.09 -24.67
N PRO A 376 8.39 12.36 -24.09
CA PRO A 376 8.30 12.14 -22.64
C PRO A 376 8.60 13.42 -21.84
N VAL A 377 7.97 13.52 -20.68
CA VAL A 377 8.19 14.67 -19.81
C VAL A 377 8.75 14.17 -18.50
N GLY A 378 7.96 13.37 -17.79
CA GLY A 378 8.38 12.82 -16.50
C GLY A 378 7.19 12.57 -15.59
N GLY A 379 7.45 12.00 -14.42
CA GLY A 379 6.38 11.77 -13.46
C GLY A 379 5.31 10.86 -14.05
N LEU A 380 5.76 9.88 -14.81
CA LEU A 380 4.91 8.87 -15.45
C LEU A 380 4.15 9.39 -16.66
N ARG A 381 4.40 10.64 -17.05
CA ARG A 381 3.57 11.27 -18.07
C ARG A 381 4.34 11.82 -19.25
N VAL A 382 3.62 12.06 -20.33
CA VAL A 382 4.23 12.52 -21.57
C VAL A 382 3.39 13.64 -22.17
N LEU A 383 3.92 14.28 -23.21
CA LEU A 383 3.13 15.19 -24.03
C LEU A 383 2.75 14.50 -25.32
N ILE A 384 1.47 14.50 -25.63
CA ILE A 384 1.00 14.07 -26.94
C ILE A 384 0.55 15.29 -27.70
N GLU A 385 1.21 15.57 -28.82
CA GLU A 385 0.72 16.62 -29.71
C GLU A 385 -0.14 15.93 -30.74
N VAL A 386 -1.32 16.47 -31.03
CA VAL A 386 -2.22 15.80 -31.94
C VAL A 386 -2.63 16.79 -33.01
N TYR A 387 -2.45 16.40 -34.27
CA TYR A 387 -2.61 17.34 -35.38
C TYR A 387 -3.82 17.00 -36.25
N PRO A 388 -4.65 18.02 -36.55
CA PRO A 388 -5.78 17.81 -37.45
C PRO A 388 -5.33 17.74 -38.91
N GLY B 13 -5.53 30.63 0.39
CA GLY B 13 -4.36 31.45 0.66
C GLY B 13 -3.81 32.10 -0.59
N LEU B 14 -3.08 33.20 -0.40
CA LEU B 14 -2.48 33.92 -1.52
C LEU B 14 -1.40 33.09 -2.22
N VAL B 15 -1.21 33.37 -3.51
CA VAL B 15 -0.23 32.63 -4.31
C VAL B 15 1.20 32.85 -3.79
N PRO B 16 1.92 31.75 -3.53
CA PRO B 16 3.29 31.79 -3.01
C PRO B 16 4.20 32.69 -3.84
N HIS B 20 12.70 30.16 -7.34
CA HIS B 20 13.45 29.79 -8.53
C HIS B 20 13.82 28.31 -8.49
N MET B 21 13.97 27.72 -9.67
CA MET B 21 14.37 26.32 -9.78
C MET B 21 14.70 26.04 -11.23
N ASP B 22 15.88 25.49 -11.48
CA ASP B 22 16.24 25.19 -12.86
C ASP B 22 15.51 23.95 -13.36
N ALA B 23 15.39 23.83 -14.67
CA ALA B 23 14.68 22.73 -15.30
C ALA B 23 15.15 21.35 -14.82
N ALA B 24 16.47 21.17 -14.71
CA ALA B 24 17.00 19.86 -14.32
C ALA B 24 16.49 19.44 -12.94
N THR B 25 16.49 20.37 -11.99
CA THR B 25 15.97 20.08 -10.65
C THR B 25 14.47 19.76 -10.69
N ALA B 26 13.71 20.54 -11.44
CA ALA B 26 12.27 20.27 -11.60
C ALA B 26 11.99 18.89 -12.16
N VAL B 27 12.72 18.49 -13.19
CA VAL B 27 12.53 17.16 -13.78
C VAL B 27 12.88 16.04 -12.79
N GLU B 28 13.98 16.20 -12.06
CA GLU B 28 14.38 15.23 -11.06
C GLU B 28 13.31 15.06 -9.98
N LEU B 29 12.76 16.18 -9.51
CA LEU B 29 11.70 16.14 -8.51
C LEU B 29 10.42 15.53 -9.07
N LEU B 30 10.08 15.90 -10.30
CA LEU B 30 8.92 15.32 -10.98
C LEU B 30 9.03 13.81 -11.06
N ASP B 31 10.23 13.32 -11.35
CA ASP B 31 10.45 11.89 -11.48
C ASP B 31 10.54 11.18 -10.12
N ALA B 32 10.75 11.94 -9.05
CA ALA B 32 10.74 11.33 -7.73
C ALA B 32 9.33 11.20 -7.18
N GLN B 33 8.43 12.09 -7.64
N GLN B 33 8.44 12.06 -7.66
CA GLN B 33 7.06 12.11 -7.12
CA GLN B 33 7.08 12.13 -7.15
C GLN B 33 6.35 10.74 -7.13
C GLN B 33 6.30 10.80 -7.17
N PRO B 34 6.44 10.01 -8.25
CA PRO B 34 5.72 8.73 -8.29
C PRO B 34 6.10 7.76 -7.16
N GLN B 35 7.31 7.88 -6.61
CA GLN B 35 7.69 7.06 -5.47
C GLN B 35 6.82 7.36 -4.27
N VAL B 36 6.52 8.65 -4.08
CA VAL B 36 5.66 9.06 -2.98
C VAL B 36 4.23 8.60 -3.25
N TRP B 37 3.77 8.81 -4.49
CA TRP B 37 2.44 8.32 -4.84
C TRP B 37 2.30 6.84 -4.53
N HIS B 38 3.35 6.08 -4.87
CA HIS B 38 3.31 4.63 -4.69
C HIS B 38 3.13 4.28 -3.21
N HIS B 39 3.83 5.03 -2.35
CA HIS B 39 3.68 4.83 -0.91
C HIS B 39 2.29 5.17 -0.42
N PHE B 40 1.82 6.38 -0.73
CA PHE B 40 0.52 6.73 -0.13
C PHE B 40 -0.65 5.94 -0.73
N LEU B 41 -0.48 5.42 -1.94
CA LEU B 41 -1.51 4.56 -2.54
C LEU B 41 -1.30 3.08 -2.22
N GLY B 42 -0.45 2.79 -1.22
CA GLY B 42 -0.24 1.41 -0.83
C GLY B 42 -1.52 0.63 -0.54
N TYR B 43 -2.52 1.29 0.01
CA TYR B 43 -3.76 0.62 0.36
C TYR B 43 -4.47 0.07 -0.87
N ILE B 44 -4.11 0.59 -2.04
CA ILE B 44 -4.71 0.09 -3.28
C ILE B 44 -4.34 -1.38 -3.51
N ASN B 45 -3.10 -1.74 -3.17
CA ASN B 45 -2.69 -3.14 -3.23
C ASN B 45 -3.53 -3.98 -2.26
N SER B 46 -3.76 -3.45 -1.05
CA SER B 46 -4.51 -4.21 -0.06
C SER B 46 -5.92 -4.47 -0.55
N MET B 47 -6.53 -3.43 -1.10
N MET B 47 -6.53 -3.44 -1.12
CA MET B 47 -7.94 -3.50 -1.49
CA MET B 47 -7.93 -3.49 -1.51
C MET B 47 -8.18 -4.27 -2.80
C MET B 47 -8.17 -4.29 -2.79
N THR B 48 -7.23 -4.21 -3.73
CA THR B 48 -7.38 -4.98 -4.97
C THR B 48 -7.22 -6.48 -4.65
N LEU B 49 -6.26 -6.81 -3.81
CA LEU B 49 -6.13 -8.20 -3.38
C LEU B 49 -7.38 -8.65 -2.65
N GLN B 50 -7.87 -7.84 -1.70
CA GLN B 50 -9.10 -8.22 -1.02
C GLN B 50 -10.26 -8.49 -1.99
N CYS B 51 -10.42 -7.64 -3.01
N CYS B 51 -10.38 -7.63 -3.01
CA CYS B 51 -11.45 -7.87 -4.01
CA CYS B 51 -11.42 -7.79 -4.02
C CYS B 51 -11.25 -9.22 -4.68
C CYS B 51 -11.26 -9.11 -4.79
N ALA B 52 -10.02 -9.48 -5.09
CA ALA B 52 -9.75 -10.73 -5.82
C ALA B 52 -10.18 -11.92 -4.97
N LEU B 53 -10.00 -11.81 -3.66
CA LEU B 53 -10.42 -12.88 -2.75
C LEU B 53 -11.93 -12.92 -2.59
N GLU B 54 -12.57 -11.76 -2.44
CA GLU B 54 -14.04 -11.74 -2.30
C GLU B 54 -14.72 -12.34 -3.52
N LEU B 55 -14.15 -12.07 -4.69
CA LEU B 55 -14.72 -12.57 -5.94
C LEU B 55 -14.32 -14.02 -6.24
N ASP B 56 -13.42 -14.58 -5.43
CA ASP B 56 -12.89 -15.93 -5.67
C ASP B 56 -12.22 -16.09 -7.04
N ILE B 57 -11.53 -15.07 -7.51
CA ILE B 57 -10.97 -15.07 -8.87
C ILE B 57 -10.04 -16.25 -9.13
N ALA B 58 -9.11 -16.48 -8.22
CA ALA B 58 -8.14 -17.57 -8.41
C ALA B 58 -8.86 -18.91 -8.52
N ASP B 59 -9.88 -19.12 -7.68
CA ASP B 59 -10.58 -20.40 -7.65
C ASP B 59 -11.42 -20.62 -8.89
N VAL B 60 -12.01 -19.53 -9.39
CA VAL B 60 -12.81 -19.59 -10.62
C VAL B 60 -11.92 -19.88 -11.83
N ILE B 61 -10.73 -19.27 -11.86
CA ILE B 61 -9.82 -19.51 -12.95
C ILE B 61 -9.31 -20.95 -12.90
N HIS B 62 -8.87 -21.38 -11.72
CA HIS B 62 -8.41 -22.75 -11.52
C HIS B 62 -9.47 -23.77 -11.95
N ARG B 63 -10.72 -23.52 -11.57
CA ARG B 63 -11.81 -24.44 -11.90
C ARG B 63 -11.98 -24.56 -13.41
N HIS B 64 -11.78 -23.46 -14.12
CA HIS B 64 -11.95 -23.46 -15.59
C HIS B 64 -10.99 -24.47 -16.22
N GLY B 65 -9.80 -24.63 -15.62
CA GLY B 65 -8.89 -25.70 -16.02
C GLY B 65 -7.88 -25.33 -17.10
N HIS B 66 -8.06 -24.16 -17.69
CA HIS B 66 -7.15 -23.64 -18.70
C HIS B 66 -7.47 -22.16 -18.86
N PRO B 67 -6.69 -21.41 -19.65
CA PRO B 67 -6.92 -19.96 -19.66
C PRO B 67 -8.37 -19.62 -19.96
N ILE B 68 -8.90 -18.61 -19.26
CA ILE B 68 -10.32 -18.27 -19.34
C ILE B 68 -10.48 -16.87 -19.92
N PRO B 69 -11.28 -16.76 -20.99
CA PRO B 69 -11.48 -15.43 -21.62
C PRO B 69 -12.25 -14.48 -20.71
N LEU B 70 -11.98 -13.18 -20.86
CA LEU B 70 -12.56 -12.16 -20.00
C LEU B 70 -14.08 -12.28 -19.88
N ASN B 71 -14.76 -12.49 -21.00
CA ASN B 71 -16.22 -12.56 -20.97
C ASN B 71 -16.72 -13.73 -20.12
N GLN B 72 -16.04 -14.87 -20.20
CA GLN B 72 -16.44 -16.04 -19.43
C GLN B 72 -16.08 -15.88 -17.95
N LEU B 73 -14.97 -15.21 -17.69
CA LEU B 73 -14.60 -14.91 -16.31
C LEU B 73 -15.63 -13.98 -15.66
N ALA B 74 -16.02 -12.92 -16.36
CA ALA B 74 -17.03 -12.02 -15.84
C ALA B 74 -18.32 -12.78 -15.53
N ALA B 75 -18.76 -13.60 -16.47
CA ALA B 75 -20.01 -14.37 -16.29
C ALA B 75 -19.91 -15.25 -15.04
N ALA B 76 -18.78 -15.92 -14.88
CA ALA B 76 -18.60 -16.82 -13.74
C ALA B 76 -18.56 -16.05 -12.42
N LEU B 77 -18.06 -14.81 -12.46
CA LEU B 77 -17.96 -13.97 -11.26
C LEU B 77 -19.26 -13.18 -10.99
N GLU B 78 -20.25 -13.35 -11.85
CA GLU B 78 -21.52 -12.62 -11.76
C GLU B 78 -21.33 -11.12 -11.95
N ILE B 79 -20.33 -10.77 -12.75
CA ILE B 79 -20.08 -9.39 -13.14
C ILE B 79 -20.71 -9.16 -14.51
N PRO B 80 -21.62 -8.17 -14.61
CA PRO B 80 -22.31 -7.92 -15.88
C PRO B 80 -21.32 -7.50 -16.96
N GLN B 81 -21.66 -7.80 -18.22
CA GLN B 81 -20.71 -7.53 -19.28
C GLN B 81 -20.38 -6.04 -19.37
N THR B 82 -21.33 -5.20 -18.97
CA THR B 82 -21.08 -3.76 -18.92
C THR B 82 -19.94 -3.40 -17.96
N LYS B 83 -19.68 -4.25 -16.97
CA LYS B 83 -18.61 -3.99 -16.02
C LYS B 83 -17.34 -4.80 -16.35
N ALA B 84 -17.39 -5.60 -17.41
CA ALA B 84 -16.21 -6.40 -17.79
C ALA B 84 -14.95 -5.56 -18.01
N PRO B 85 -15.06 -4.36 -18.61
CA PRO B 85 -13.86 -3.54 -18.77
C PRO B 85 -13.20 -3.21 -17.44
N PHE B 86 -13.98 -3.07 -16.37
CA PHE B 86 -13.41 -2.76 -15.07
C PHE B 86 -12.74 -3.99 -14.49
N LEU B 87 -13.37 -5.15 -14.68
CA LEU B 87 -12.74 -6.41 -14.29
C LEU B 87 -11.41 -6.58 -15.01
N SER B 88 -11.38 -6.23 -16.29
CA SER B 88 -10.15 -6.37 -17.08
C SER B 88 -9.02 -5.55 -16.46
N ARG B 89 -9.37 -4.35 -16.01
CA ARG B 89 -8.35 -3.48 -15.37
C ARG B 89 -7.92 -4.01 -14.02
N LEU B 90 -8.87 -4.53 -13.25
CA LEU B 90 -8.51 -5.20 -11.99
C LEU B 90 -7.56 -6.37 -12.27
N MET B 91 -7.87 -7.15 -13.30
CA MET B 91 -7.02 -8.29 -13.62
C MET B 91 -5.63 -7.84 -14.04
N ARG B 92 -5.53 -6.78 -14.82
CA ARG B 92 -4.22 -6.27 -15.22
C ARG B 92 -3.35 -5.90 -14.01
N MET B 93 -3.98 -5.31 -13.00
N MET B 93 -3.98 -5.31 -13.00
CA MET B 93 -3.30 -4.98 -11.75
CA MET B 93 -3.31 -4.98 -11.75
C MET B 93 -2.82 -6.26 -11.06
C MET B 93 -2.83 -6.25 -11.07
N LEU B 94 -3.71 -7.24 -11.00
CA LEU B 94 -3.38 -8.51 -10.34
C LEU B 94 -2.31 -9.32 -11.09
N VAL B 95 -2.29 -9.20 -12.40
CA VAL B 95 -1.23 -9.78 -13.21
C VAL B 95 0.11 -9.14 -12.83
N HIS B 96 0.12 -7.80 -12.72
CA HIS B 96 1.34 -7.12 -12.35
C HIS B 96 1.83 -7.54 -10.96
N LEU B 97 0.90 -7.75 -10.03
CA LEU B 97 1.25 -8.18 -8.67
C LEU B 97 1.83 -9.59 -8.64
N GLY B 98 1.52 -10.37 -9.67
CA GLY B 98 2.17 -11.66 -9.87
C GLY B 98 1.26 -12.86 -9.69
N TYR B 99 -0.04 -12.62 -9.51
CA TYR B 99 -0.98 -13.71 -9.24
C TYR B 99 -1.45 -14.47 -10.49
N PHE B 100 -1.64 -13.73 -11.58
CA PHE B 100 -2.25 -14.27 -12.79
C PHE B 100 -1.42 -13.88 -14.00
N THR B 101 -1.73 -14.50 -15.13
CA THR B 101 -1.13 -14.13 -16.40
C THR B 101 -2.24 -13.77 -17.39
N GLN B 102 -1.89 -13.01 -18.42
CA GLN B 102 -2.87 -12.77 -19.47
C GLN B 102 -2.25 -12.87 -20.84
N VAL B 103 -3.02 -13.39 -21.79
CA VAL B 103 -2.64 -13.40 -23.20
C VAL B 103 -3.83 -12.98 -24.05
N ILE B 104 -3.57 -12.64 -25.31
CA ILE B 104 -4.63 -12.29 -26.25
C ILE B 104 -4.63 -13.22 -27.46
N THR B 105 -5.60 -14.12 -27.51
CA THR B 105 -5.65 -15.15 -28.55
C THR B 105 -6.57 -14.80 -29.71
N LYS B 106 -7.21 -13.63 -29.65
CA LYS B 106 -8.05 -13.18 -30.76
C LYS B 106 -7.43 -11.95 -31.42
N PRO B 107 -7.15 -12.04 -32.72
CA PRO B 107 -6.56 -10.92 -33.46
C PRO B 107 -7.48 -9.71 -33.51
N GLU B 108 -6.92 -8.55 -33.88
CA GLU B 108 -7.71 -7.33 -34.02
C GLU B 108 -8.56 -7.36 -35.29
N VAL B 114 -10.28 -6.00 -27.76
CA VAL B 114 -9.30 -6.92 -27.21
C VAL B 114 -9.92 -7.84 -26.18
N LEU B 115 -9.76 -9.14 -26.40
CA LEU B 115 -10.23 -10.12 -25.42
C LEU B 115 -9.04 -10.85 -24.81
N PRO B 116 -8.67 -10.49 -23.56
CA PRO B 116 -7.63 -11.26 -22.89
C PRO B 116 -8.16 -12.56 -22.29
N SER B 117 -7.28 -13.53 -22.11
CA SER B 117 -7.62 -14.77 -21.41
C SER B 117 -6.64 -14.93 -20.26
N TYR B 118 -7.13 -15.39 -19.12
CA TYR B 118 -6.35 -15.35 -17.89
C TYR B 118 -5.99 -16.73 -17.38
N TRP B 119 -4.78 -16.87 -16.85
CA TRP B 119 -4.41 -18.11 -16.19
C TRP B 119 -3.66 -17.82 -14.90
N LEU B 120 -3.26 -18.88 -14.20
CA LEU B 120 -2.62 -18.74 -12.90
C LEU B 120 -1.11 -18.64 -13.00
N ALA B 121 -0.53 -17.75 -12.21
CA ALA B 121 0.92 -17.73 -12.02
C ALA B 121 1.23 -18.36 -10.65
N PRO B 122 2.50 -18.72 -10.42
CA PRO B 122 2.82 -19.46 -9.20
C PRO B 122 2.36 -18.80 -7.89
N LEU B 123 2.35 -17.47 -7.82
CA LEU B 123 1.92 -16.82 -6.58
C LEU B 123 0.45 -17.10 -6.23
N SER B 124 -0.37 -17.42 -7.23
CA SER B 124 -1.78 -17.68 -6.96
C SER B 124 -1.98 -18.96 -6.12
N ARG B 125 -0.96 -19.80 -6.01
CA ARG B 125 -1.09 -20.99 -5.14
C ARG B 125 -1.47 -20.56 -3.72
N LEU B 126 -0.97 -19.40 -3.31
CA LEU B 126 -1.25 -18.89 -1.97
C LEU B 126 -2.66 -18.29 -1.84
N LEU B 127 -3.41 -18.22 -2.95
CA LEU B 127 -4.76 -17.68 -2.91
C LEU B 127 -5.86 -18.75 -2.96
N LEU B 128 -5.49 -19.96 -3.38
CA LEU B 128 -6.50 -20.98 -3.68
C LEU B 128 -7.15 -21.59 -2.43
N LYS B 129 -8.47 -21.58 -2.39
CA LYS B 129 -9.20 -22.11 -1.24
C LYS B 129 -8.83 -23.56 -0.95
N GLN B 130 -8.56 -24.33 -1.99
CA GLN B 130 -8.30 -25.76 -1.84
C GLN B 130 -6.96 -26.03 -1.13
N ASN B 131 -6.08 -25.04 -1.09
CA ASN B 131 -4.79 -25.21 -0.45
C ASN B 131 -4.85 -24.85 1.04
N PRO B 132 -4.42 -25.76 1.92
CA PRO B 132 -4.56 -25.51 3.36
C PRO B 132 -3.63 -24.39 3.84
N TYR B 133 -2.70 -23.99 2.98
CA TYR B 133 -1.76 -22.92 3.31
C TYR B 133 -2.11 -21.59 2.67
N ASN B 134 -3.32 -21.48 2.11
CA ASN B 134 -3.71 -20.23 1.45
C ASN B 134 -3.76 -19.09 2.46
N ALA B 135 -3.59 -17.88 1.96
CA ALA B 135 -3.50 -16.67 2.79
C ALA B 135 -4.79 -15.87 2.88
N ARG B 136 -5.93 -16.49 2.55
CA ARG B 136 -7.20 -15.76 2.47
C ARG B 136 -7.62 -15.16 3.81
N SER B 137 -7.67 -15.99 4.85
CA SER B 137 -8.12 -15.52 6.16
C SER B 137 -7.20 -14.44 6.71
N LEU B 138 -5.90 -14.63 6.55
CA LEU B 138 -4.94 -13.66 7.02
C LEU B 138 -5.11 -12.33 6.29
N THR B 139 -5.43 -12.41 5.00
CA THR B 139 -5.68 -11.19 4.23
C THR B 139 -6.92 -10.45 4.77
N PHE B 140 -8.02 -11.18 4.94
CA PHE B 140 -9.26 -10.56 5.39
C PHE B 140 -9.11 -9.91 6.76
N CYS B 141 -8.40 -10.56 7.68
N CYS B 141 -8.40 -10.62 7.62
CA CYS B 141 -8.26 -9.93 8.99
CA CYS B 141 -8.10 -10.14 8.96
C CYS B 141 -7.24 -8.78 8.96
C CYS B 141 -7.29 -8.85 8.90
N SER B 142 -6.21 -8.89 8.13
CA SER B 142 -5.22 -7.81 8.08
C SER B 142 -5.74 -6.51 7.46
N VAL B 143 -6.69 -6.62 6.54
N VAL B 143 -6.70 -6.61 6.56
CA VAL B 143 -7.23 -5.41 5.91
CA VAL B 143 -7.25 -5.43 5.89
C VAL B 143 -8.58 -5.02 6.50
C VAL B 143 -8.58 -5.00 6.51
N HIS B 144 -8.98 -5.71 7.56
CA HIS B 144 -10.27 -5.47 8.20
C HIS B 144 -10.30 -4.07 8.82
N GLU B 145 -11.48 -3.47 8.86
CA GLU B 145 -11.66 -2.17 9.51
C GLU B 145 -11.04 -2.12 10.92
N HIS B 146 -11.14 -3.23 11.63
CA HIS B 146 -10.61 -3.29 12.99
C HIS B 146 -9.11 -2.99 13.02
N LEU B 147 -8.39 -3.41 12.00
CA LEU B 147 -6.93 -3.21 11.99
C LEU B 147 -6.50 -1.96 11.25
N VAL B 148 -7.25 -1.60 10.22
CA VAL B 148 -6.93 -0.41 9.43
C VAL B 148 -7.31 0.90 10.16
N ASP B 149 -8.51 0.93 10.74
CA ASP B 149 -9.05 2.18 11.30
C ASP B 149 -8.19 2.82 12.41
N PRO B 150 -7.57 2.00 13.29
CA PRO B 150 -6.79 2.63 14.38
C PRO B 150 -5.63 3.48 13.87
N TRP B 151 -5.17 3.23 12.65
CA TRP B 151 -4.08 4.05 12.12
C TRP B 151 -4.45 5.51 11.97
N ARG B 152 -5.74 5.79 11.88
CA ARG B 152 -6.17 7.17 11.72
C ARG B 152 -6.07 7.92 13.03
N GLN B 153 -5.75 7.19 14.10
CA GLN B 153 -5.58 7.78 15.43
C GLN B 153 -4.16 7.50 15.98
N MET B 154 -3.28 7.01 15.12
CA MET B 154 -1.91 6.68 15.52
C MET B 154 -1.13 7.90 16.03
N SER B 155 -1.23 9.01 15.31
CA SER B 155 -0.51 10.21 15.72
C SER B 155 -1.02 10.70 17.07
N ALA B 156 -2.33 10.62 17.26
CA ALA B 156 -2.94 11.05 18.52
C ALA B 156 -2.50 10.11 19.65
N TRP B 157 -2.44 8.82 19.36
CA TRP B 157 -1.96 7.87 20.35
C TRP B 157 -0.48 8.13 20.69
N LEU B 158 0.34 8.38 19.68
CA LEU B 158 1.75 8.66 19.93
C LEU B 158 1.93 9.88 20.82
N ARG B 159 1.00 10.83 20.73
CA ARG B 159 1.09 12.06 21.52
C ARG B 159 0.39 11.99 22.88
N THR B 160 -0.10 10.81 23.25
CA THR B 160 -0.79 10.65 24.52
C THR B 160 0.19 10.17 25.57
N GLY B 161 0.31 10.94 26.65
CA GLY B 161 1.14 10.56 27.78
C GLY B 161 0.39 9.73 28.80
N LYS B 162 1.02 9.52 29.95
CA LYS B 162 0.44 8.70 31.02
C LYS B 162 -0.47 9.52 31.91
N GLY B 165 -3.87 9.09 31.51
CA GLY B 165 -5.23 8.74 31.86
C GLY B 165 -5.99 8.19 30.67
N LYS B 166 -5.75 8.77 29.51
CA LYS B 166 -6.40 8.34 28.27
C LYS B 166 -5.52 7.38 27.47
N ASP B 167 -4.36 7.03 28.02
CA ASP B 167 -3.45 6.15 27.32
C ASP B 167 -3.94 4.72 27.26
N THR B 168 -3.42 3.99 26.28
CA THR B 168 -3.79 2.59 26.03
C THR B 168 -2.50 1.93 25.56
N PRO B 169 -2.44 0.59 25.60
CA PRO B 169 -1.20 -0.09 25.21
C PRO B 169 -0.82 0.11 23.74
N ASN B 170 -1.79 0.45 22.90
CA ASN B 170 -1.55 0.59 21.47
C ASN B 170 -2.67 1.38 20.79
N ALA B 171 -2.47 1.70 19.52
CA ALA B 171 -3.45 2.46 18.74
C ALA B 171 -4.75 1.71 18.60
N PHE B 172 -4.66 0.40 18.45
CA PHE B 172 -5.86 -0.43 18.33
C PHE B 172 -6.78 -0.21 19.54
N ALA B 173 -6.22 -0.32 20.74
CA ALA B 173 -7.03 -0.12 21.95
C ALA B 173 -7.53 1.33 22.07
N PHE B 174 -6.67 2.26 21.69
CA PHE B 174 -7.01 3.68 21.69
C PHE B 174 -8.28 3.92 20.87
N ALA B 175 -8.39 3.20 19.75
CA ALA B 175 -9.53 3.36 18.84
C ALA B 175 -10.68 2.39 19.10
N HIS B 176 -10.54 1.54 20.12
CA HIS B 176 -11.57 0.56 20.44
C HIS B 176 -11.99 0.66 21.91
N GLU B 177 -12.13 1.90 22.38
CA GLU B 177 -12.58 2.17 23.74
C GLU B 177 -11.79 1.39 24.78
N GLY B 178 -10.48 1.30 24.55
CA GLY B 178 -9.57 0.67 25.49
C GLY B 178 -9.41 -0.83 25.34
N LYS B 179 -10.14 -1.42 24.40
CA LYS B 179 -10.13 -2.87 24.24
C LYS B 179 -8.96 -3.35 23.37
N LYS B 180 -8.21 -4.33 23.89
CA LYS B 180 -7.14 -4.97 23.12
C LYS B 180 -7.74 -5.92 22.09
N VAL B 181 -6.91 -6.38 21.16
CA VAL B 181 -7.44 -7.23 20.08
C VAL B 181 -8.11 -8.49 20.63
N TYR B 182 -7.61 -9.00 21.74
CA TYR B 182 -8.16 -10.22 22.33
C TYR B 182 -9.59 -10.04 22.81
N GLU B 183 -9.88 -8.89 23.41
CA GLU B 183 -11.25 -8.61 23.84
C GLU B 183 -12.17 -8.40 22.65
N VAL B 184 -11.68 -7.72 21.62
CA VAL B 184 -12.48 -7.51 20.42
C VAL B 184 -12.80 -8.84 19.74
N CYS B 185 -11.82 -9.73 19.66
CA CYS B 185 -12.05 -11.08 19.12
C CYS B 185 -13.13 -11.84 19.90
N SER B 186 -13.17 -11.66 21.21
N SER B 186 -13.17 -11.65 21.21
CA SER B 186 -14.17 -12.33 22.02
CA SER B 186 -14.17 -12.31 22.04
C SER B 186 -15.58 -11.81 21.74
C SER B 186 -15.57 -11.82 21.72
N GLU B 187 -15.66 -10.61 21.16
CA GLU B 187 -16.95 -10.00 20.83
C GLU B 187 -17.35 -10.27 19.39
N ASP B 188 -16.36 -10.57 18.55
CA ASP B 188 -16.56 -10.69 17.11
C ASP B 188 -16.06 -12.05 16.66
N ALA B 189 -16.94 -13.05 16.69
CA ALA B 189 -16.54 -14.43 16.37
C ALA B 189 -15.98 -14.58 14.95
N ASN B 190 -16.61 -13.89 13.99
CA ASN B 190 -16.16 -13.97 12.61
C ASN B 190 -14.74 -13.43 12.47
N PHE B 191 -14.49 -12.30 13.14
CA PHE B 191 -13.19 -11.66 13.13
C PHE B 191 -12.17 -12.57 13.78
N SER B 192 -12.55 -13.11 14.94
CA SER B 192 -11.68 -14.02 15.67
C SER B 192 -11.28 -15.22 14.81
N GLN B 193 -12.25 -15.75 14.09
CA GLN B 193 -12.02 -16.91 13.24
C GLN B 193 -10.97 -16.66 12.16
N LEU B 194 -10.97 -15.45 11.61
CA LEU B 194 -9.98 -15.11 10.59
C LEU B 194 -8.56 -15.21 11.12
N PHE B 195 -8.33 -14.68 12.31
CA PHE B 195 -7.00 -14.77 12.91
C PHE B 195 -6.58 -16.21 13.09
N SER B 196 -7.47 -17.01 13.68
CA SER B 196 -7.18 -18.40 13.96
CA SER B 196 -7.17 -18.41 13.97
C SER B 196 -6.83 -19.16 12.69
N GLU B 197 -7.64 -18.96 11.65
CA GLU B 197 -7.43 -19.63 10.39
C GLU B 197 -6.14 -19.16 9.72
N GLY B 198 -5.85 -17.87 9.86
CA GLY B 198 -4.66 -17.29 9.26
C GLY B 198 -3.40 -17.82 9.91
N MET B 199 -3.43 -17.94 11.23
CA MET B 199 -2.29 -18.53 11.95
C MET B 199 -2.12 -20.00 11.60
N ALA B 200 -3.23 -20.73 11.55
CA ALA B 200 -3.18 -22.16 11.22
C ALA B 200 -2.59 -22.41 9.84
N GLY B 201 -2.99 -21.58 8.87
CA GLY B 201 -2.46 -21.67 7.52
C GLY B 201 -0.96 -21.43 7.45
N ASP B 202 -0.49 -20.40 8.15
CA ASP B 202 0.94 -20.15 8.17
C ASP B 202 1.69 -21.31 8.84
N SER B 203 1.13 -21.82 9.93
CA SER B 203 1.78 -22.94 10.63
C SER B 203 1.91 -24.18 9.73
N TRP B 204 0.93 -24.39 8.85
CA TRP B 204 0.94 -25.54 7.97
C TRP B 204 2.22 -25.50 7.14
N LEU B 205 2.50 -24.33 6.60
CA LEU B 205 3.62 -24.14 5.71
C LEU B 205 4.93 -24.02 6.49
N PHE B 206 4.91 -23.20 7.55
CA PHE B 206 6.15 -22.92 8.26
C PHE B 206 6.69 -24.19 8.90
N SER B 207 5.78 -25.00 9.45
CA SER B 207 6.22 -26.23 10.13
C SER B 207 6.95 -27.18 9.17
N ARG B 208 6.49 -27.24 7.94
CA ARG B 208 7.09 -28.14 6.96
C ARG B 208 8.48 -27.67 6.55
N ALA B 209 8.67 -26.36 6.50
CA ALA B 209 9.99 -25.79 6.24
C ALA B 209 10.88 -26.00 7.48
N LEU B 210 10.31 -25.77 8.65
CA LEU B 210 11.03 -25.90 9.91
C LEU B 210 11.69 -27.27 10.10
N VAL B 211 10.91 -28.33 9.92
CA VAL B 211 11.44 -29.68 10.18
C VAL B 211 12.46 -30.13 9.13
N SER B 212 12.42 -29.49 7.97
CA SER B 212 13.39 -29.75 6.90
C SER B 212 14.69 -28.96 7.10
N LYS B 213 14.54 -27.64 7.19
CA LYS B 213 15.67 -26.73 7.36
C LYS B 213 16.43 -26.97 8.67
N CYS B 214 15.71 -27.43 9.69
CA CYS B 214 16.30 -27.52 11.03
C CYS B 214 16.20 -28.92 11.60
N ARG B 215 16.28 -29.92 10.75
CA ARG B 215 16.19 -31.31 11.19
C ARG B 215 17.14 -31.57 12.36
N ASP B 216 18.36 -31.07 12.25
CA ASP B 216 19.35 -31.27 13.30
C ASP B 216 18.90 -30.78 14.68
N ALA B 217 18.00 -29.79 14.71
CA ALA B 217 17.55 -29.23 15.99
C ALA B 217 16.58 -30.14 16.72
N PHE B 218 16.04 -31.13 16.03
CA PHE B 218 15.04 -32.02 16.62
C PHE B 218 15.65 -33.38 16.95
N GLU B 219 16.87 -33.61 16.47
CA GLU B 219 17.54 -34.88 16.75
C GLU B 219 17.86 -34.99 18.24
N GLY B 220 17.58 -36.15 18.82
CA GLY B 220 17.88 -36.38 20.23
C GLY B 220 16.79 -35.97 21.20
N LEU B 221 15.72 -35.35 20.71
CA LEU B 221 14.61 -34.93 21.58
C LEU B 221 13.59 -36.04 21.75
N SER B 222 13.03 -36.15 22.95
N SER B 222 13.04 -36.14 22.96
CA SER B 222 11.98 -37.12 23.21
CA SER B 222 11.99 -37.12 23.23
C SER B 222 10.65 -36.44 23.52
C SER B 222 10.67 -36.46 23.61
N SER B 223 10.69 -35.13 23.75
CA SER B 223 9.49 -34.39 24.09
C SER B 223 9.64 -32.93 23.75
N LEU B 224 8.52 -32.28 23.45
CA LEU B 224 8.53 -30.88 23.07
C LEU B 224 7.19 -30.28 23.51
N VAL B 225 7.21 -29.06 24.02
N VAL B 225 7.21 -29.06 24.02
CA VAL B 225 5.97 -28.34 24.32
CA VAL B 225 5.97 -28.35 24.31
C VAL B 225 5.81 -27.16 23.39
C VAL B 225 5.82 -27.15 23.38
N ASP B 226 4.67 -27.09 22.70
CA ASP B 226 4.40 -26.11 21.66
C ASP B 226 3.52 -25.04 22.26
N VAL B 227 4.14 -23.97 22.76
CA VAL B 227 3.42 -22.96 23.53
C VAL B 227 2.67 -22.03 22.58
N GLY B 228 1.35 -21.97 22.73
CA GLY B 228 0.53 -21.20 21.81
C GLY B 228 0.22 -21.98 20.56
N GLY B 229 0.29 -23.31 20.67
CA GLY B 229 0.18 -24.20 19.52
C GLY B 229 -1.20 -24.37 18.89
N GLY B 230 -2.21 -23.74 19.48
CA GLY B 230 -3.55 -23.73 18.89
C GLY B 230 -4.13 -25.08 18.51
N THR B 231 -4.50 -25.24 17.23
CA THR B 231 -5.14 -26.47 16.78
C THR B 231 -4.13 -27.56 16.44
N GLY B 232 -2.85 -27.27 16.68
CA GLY B 232 -1.82 -28.28 16.60
C GLY B 232 -1.16 -28.51 15.25
N ASN B 233 -1.27 -27.56 14.34
CA ASN B 233 -0.67 -27.74 13.00
C ASN B 233 0.86 -27.90 13.03
N THR B 234 1.51 -27.14 13.90
CA THR B 234 2.96 -27.22 14.02
C THR B 234 3.38 -28.54 14.66
N SER B 235 2.77 -28.86 15.79
CA SER B 235 3.12 -30.10 16.48
C SER B 235 2.77 -31.35 15.67
N LYS B 236 1.70 -31.29 14.88
CA LYS B 236 1.33 -32.43 14.06
C LYS B 236 2.47 -32.78 13.11
N VAL B 237 3.03 -31.77 12.47
CA VAL B 237 4.10 -31.97 11.50
C VAL B 237 5.39 -32.42 12.20
N ILE B 238 5.67 -31.85 13.36
CA ILE B 238 6.82 -32.30 14.13
C ILE B 238 6.69 -33.78 14.50
N ALA B 239 5.53 -34.16 15.04
CA ALA B 239 5.30 -35.55 15.45
C ALA B 239 5.38 -36.53 14.29
N GLU B 240 4.89 -36.13 13.12
CA GLU B 240 4.92 -36.97 11.94
C GLU B 240 6.33 -37.13 11.41
N THR B 241 7.12 -36.07 11.54
CA THR B 241 8.47 -36.06 10.99
C THR B 241 9.46 -36.76 11.90
N PHE B 242 9.28 -36.59 13.21
CA PHE B 242 10.16 -37.17 14.23
C PHE B 242 9.35 -38.05 15.17
N PRO B 243 9.24 -39.34 14.84
CA PRO B 243 8.27 -40.25 15.45
C PRO B 243 8.50 -40.51 16.94
N ASN B 244 9.64 -40.10 17.46
CA ASN B 244 9.94 -40.35 18.86
C ASN B 244 9.74 -39.13 19.75
N ILE B 245 9.26 -38.03 19.18
CA ILE B 245 9.00 -36.83 19.97
C ILE B 245 7.56 -36.75 20.42
N HIS B 246 7.35 -36.85 21.74
CA HIS B 246 6.02 -36.60 22.31
C HIS B 246 5.76 -35.09 22.37
N CYS B 247 4.78 -34.63 21.60
CA CYS B 247 4.47 -33.21 21.53
C CYS B 247 3.26 -32.84 22.36
N THR B 248 3.37 -31.80 23.16
CA THR B 248 2.24 -31.28 23.91
C THR B 248 1.98 -29.83 23.50
N VAL B 249 0.77 -29.56 23.04
CA VAL B 249 0.36 -28.19 22.75
C VAL B 249 -0.17 -27.54 24.01
N PHE B 250 0.43 -26.41 24.38
CA PHE B 250 0.03 -25.69 25.58
C PHE B 250 -0.54 -24.34 25.17
N ASP B 251 -1.84 -24.15 25.41
CA ASP B 251 -2.51 -22.96 24.93
C ASP B 251 -3.76 -22.65 25.78
N LEU B 252 -4.38 -21.50 25.53
CA LEU B 252 -5.56 -21.08 26.27
C LEU B 252 -6.78 -21.89 25.83
N PRO B 253 -7.77 -22.02 26.73
CA PRO B 253 -9.04 -22.69 26.46
C PRO B 253 -9.79 -22.05 25.28
N GLY B 258 -11.62 -24.59 15.98
CA GLY B 258 -12.20 -25.82 15.46
C GLY B 258 -11.51 -27.07 15.99
N PRO B 259 -11.87 -28.25 15.45
CA PRO B 259 -11.29 -29.52 15.90
C PRO B 259 -9.77 -29.51 15.83
N LYS B 260 -9.13 -30.08 16.85
CA LYS B 260 -7.67 -30.12 16.92
C LYS B 260 -7.08 -31.33 16.19
N GLN B 261 -5.87 -31.15 15.66
CA GLN B 261 -5.17 -32.22 14.94
C GLN B 261 -4.99 -33.43 15.84
N THR B 262 -5.13 -34.63 15.27
CA THR B 262 -4.87 -35.83 16.05
C THR B 262 -3.62 -36.55 15.58
N HIS B 263 -2.86 -37.06 16.54
CA HIS B 263 -1.71 -37.90 16.26
C HIS B 263 -1.44 -38.65 17.56
N PRO B 264 -0.92 -39.88 17.47
CA PRO B 264 -0.69 -40.65 18.69
C PRO B 264 0.33 -40.00 19.64
N ASN B 265 1.24 -39.20 19.12
CA ASN B 265 2.25 -38.55 19.98
C ASN B 265 1.97 -37.08 20.20
N LEU B 266 0.71 -36.69 20.04
CA LEU B 266 0.31 -35.29 20.16
C LEU B 266 -0.80 -35.19 21.19
N ASP B 267 -0.55 -34.43 22.25
CA ASP B 267 -1.64 -34.14 23.19
C ASP B 267 -1.73 -32.66 23.52
N TYR B 268 -2.73 -32.31 24.32
CA TYR B 268 -3.06 -30.91 24.56
C TYR B 268 -3.23 -30.64 26.05
N GLU B 269 -2.66 -29.53 26.51
CA GLU B 269 -2.88 -29.06 27.87
C GLU B 269 -3.30 -27.60 27.81
N SER B 270 -4.23 -27.20 28.67
CA SER B 270 -4.72 -25.83 28.68
C SER B 270 -4.00 -24.99 29.73
N GLY B 271 -3.74 -23.72 29.40
CA GLY B 271 -3.07 -22.84 30.34
C GLY B 271 -2.70 -21.48 29.78
N ASN B 272 -2.42 -20.56 30.70
CA ASN B 272 -1.95 -19.23 30.36
C ASN B 272 -0.44 -19.17 30.48
N MET B 273 0.25 -18.98 29.36
CA MET B 273 1.72 -19.03 29.34
C MET B 273 2.37 -17.94 30.21
N PHE B 274 1.61 -16.92 30.57
CA PHE B 274 2.12 -15.86 31.42
C PHE B 274 1.92 -16.13 32.91
N THR B 275 0.83 -16.81 33.26
CA THR B 275 0.45 -16.98 34.66
C THR B 275 0.40 -18.42 35.13
N ASP B 276 0.47 -19.38 34.20
CA ASP B 276 0.46 -20.80 34.56
C ASP B 276 1.80 -21.45 34.25
N GLU B 277 2.11 -22.53 34.97
CA GLU B 277 3.36 -23.27 34.76
C GLU B 277 3.35 -23.98 33.41
N ILE B 278 4.38 -23.72 32.60
CA ILE B 278 4.51 -24.37 31.30
C ILE B 278 4.93 -25.83 31.48
N PRO B 279 4.22 -26.74 30.80
CA PRO B 279 4.54 -28.18 30.84
C PRO B 279 6.03 -28.44 30.63
N HIS B 280 6.55 -29.48 31.29
CA HIS B 280 7.96 -29.83 31.17
C HIS B 280 8.24 -30.71 29.94
N ALA B 281 9.36 -30.44 29.27
CA ALA B 281 9.75 -31.18 28.07
C ALA B 281 11.22 -30.97 27.75
N ASP B 282 11.77 -31.75 26.82
CA ASP B 282 13.15 -31.59 26.37
C ASP B 282 13.36 -30.27 25.62
N ALA B 283 12.29 -29.73 25.04
CA ALA B 283 12.38 -28.45 24.33
C ALA B 283 11.08 -27.69 24.52
N VAL B 284 11.19 -26.38 24.68
CA VAL B 284 10.02 -25.52 24.72
C VAL B 284 10.02 -24.68 23.46
N LEU B 285 8.96 -24.83 22.66
CA LEU B 285 8.88 -24.14 21.37
C LEU B 285 7.91 -22.96 21.44
N PHE B 286 8.37 -21.80 20.99
CA PHE B 286 7.49 -20.63 20.79
C PHE B 286 7.51 -20.28 19.31
N LYS B 287 6.44 -20.58 18.59
CA LYS B 287 6.38 -20.26 17.15
C LYS B 287 5.53 -19.01 16.94
N TRP B 288 6.18 -17.92 16.57
CA TRP B 288 5.50 -16.67 16.21
C TRP B 288 4.61 -16.22 17.36
N VAL B 289 5.16 -16.28 18.57
CA VAL B 289 4.42 -15.95 19.78
C VAL B 289 5.07 -14.79 20.52
N LEU B 290 6.38 -14.89 20.71
CA LEU B 290 7.08 -13.92 21.54
C LEU B 290 7.10 -12.54 20.88
N CYS B 291 6.99 -12.52 19.55
CA CYS B 291 6.93 -11.25 18.82
C CYS B 291 5.68 -10.43 19.14
N ASP B 292 4.68 -11.04 19.77
CA ASP B 292 3.43 -10.34 20.06
C ASP B 292 3.49 -9.51 21.34
N TRP B 293 4.55 -9.68 22.13
CA TRP B 293 4.59 -9.17 23.50
C TRP B 293 5.87 -8.38 23.80
N PRO B 294 5.80 -7.46 24.78
CA PRO B 294 6.96 -6.63 25.12
C PRO B 294 7.95 -7.34 26.03
N ASP B 295 9.09 -6.70 26.27
CA ASP B 295 10.19 -7.36 26.96
C ASP B 295 9.87 -7.84 28.38
N GLU B 296 9.09 -7.06 29.12
CA GLU B 296 8.83 -7.36 30.54
C GLU B 296 8.15 -8.73 30.77
N PRO B 297 6.99 -8.97 30.15
CA PRO B 297 6.38 -10.29 30.31
C PRO B 297 7.15 -11.42 29.60
N VAL B 298 7.80 -11.10 28.49
CA VAL B 298 8.60 -12.12 27.82
C VAL B 298 9.76 -12.55 28.71
N LEU B 299 10.45 -11.58 29.32
CA LEU B 299 11.56 -11.90 30.21
C LEU B 299 11.09 -12.77 31.38
N LYS B 300 9.99 -12.38 32.00
CA LYS B 300 9.47 -13.14 33.14
C LYS B 300 9.20 -14.58 32.72
N MET B 301 8.65 -14.73 31.53
CA MET B 301 8.31 -16.06 31.03
C MET B 301 9.54 -16.89 30.68
N LEU B 302 10.53 -16.24 30.08
CA LEU B 302 11.80 -16.91 29.77
C LEU B 302 12.50 -17.36 31.04
N LYS B 303 12.44 -16.54 32.10
CA LYS B 303 13.04 -16.95 33.37
C LYS B 303 12.37 -18.19 33.92
N GLN B 304 11.06 -18.29 33.74
CA GLN B 304 10.33 -19.46 34.21
C GLN B 304 10.78 -20.68 33.41
N CYS B 305 11.00 -20.48 32.11
CA CYS B 305 11.47 -21.56 31.26
C CYS B 305 12.86 -22.02 31.67
N LYS B 306 13.73 -21.07 32.00
CA LYS B 306 15.09 -21.40 32.40
C LYS B 306 15.07 -22.27 33.64
N LYS B 307 14.31 -21.84 34.65
CA LYS B 307 14.16 -22.62 35.86
C LYS B 307 13.72 -24.04 35.52
N ALA B 308 12.69 -24.14 34.68
CA ALA B 308 12.12 -25.43 34.31
C ALA B 308 13.09 -26.33 33.54
N LEU B 309 13.75 -25.76 32.53
CA LEU B 309 14.63 -26.53 31.67
C LEU B 309 15.95 -26.93 32.33
N THR B 310 16.08 -26.64 33.62
CA THR B 310 17.28 -27.04 34.36
C THR B 310 16.95 -27.95 35.56
N LYS B 315 18.79 -30.61 31.75
CA LYS B 315 18.81 -29.49 30.82
C LYS B 315 18.15 -29.82 29.48
N GLY B 316 17.16 -29.00 29.10
CA GLY B 316 16.56 -29.03 27.77
C GLY B 316 16.91 -27.71 27.09
N LYS B 317 16.15 -27.31 26.07
CA LYS B 317 16.45 -26.05 25.40
C LYS B 317 15.20 -25.28 25.00
N LEU B 318 15.40 -24.02 24.68
N LEU B 318 15.38 -23.99 24.76
CA LEU B 318 14.35 -23.14 24.21
CA LEU B 318 14.33 -23.16 24.18
C LEU B 318 14.43 -23.06 22.69
C LEU B 318 14.44 -23.27 22.68
N MET B 319 13.30 -23.21 22.00
CA MET B 319 13.27 -23.12 20.55
C MET B 319 12.33 -21.98 20.18
N ILE B 320 12.87 -20.95 19.56
CA ILE B 320 12.08 -19.79 19.20
C ILE B 320 12.06 -19.69 17.69
N ALA B 321 10.87 -19.83 17.10
CA ALA B 321 10.76 -19.76 15.65
C ALA B 321 10.07 -18.45 15.36
N ASP B 322 10.85 -17.44 14.95
CA ASP B 322 10.32 -16.09 14.93
C ASP B 322 11.26 -15.22 14.10
N HIS B 323 10.99 -13.92 14.07
CA HIS B 323 11.84 -13.01 13.30
C HIS B 323 13.08 -12.58 14.07
N VAL B 324 14.22 -12.63 13.41
CA VAL B 324 15.41 -11.89 13.84
C VAL B 324 15.59 -10.82 12.77
N LEU B 325 15.21 -9.60 13.12
CA LEU B 325 15.00 -8.55 12.13
C LEU B 325 16.22 -8.32 11.23
N ASP B 326 17.39 -8.28 11.85
CA ASP B 326 18.61 -7.97 11.11
C ASP B 326 19.39 -9.19 10.62
N HIS B 327 18.78 -10.37 10.62
CA HIS B 327 19.52 -11.58 10.27
C HIS B 327 19.93 -11.57 8.80
N GLU B 328 21.11 -12.14 8.51
CA GLU B 328 21.62 -12.16 7.14
C GLU B 328 20.66 -12.84 6.16
N SER B 329 19.85 -13.76 6.65
CA SER B 329 18.97 -14.52 5.77
C SER B 329 17.80 -13.69 5.26
N CYS B 330 17.51 -12.58 5.92
CA CYS B 330 16.37 -11.74 5.53
C CYS B 330 16.72 -10.26 5.48
N ASN B 331 17.95 -9.94 5.10
CA ASN B 331 18.40 -8.55 5.11
C ASN B 331 18.41 -7.87 3.75
N ASP B 332 17.92 -8.54 2.72
CA ASP B 332 17.80 -7.89 1.41
C ASP B 332 16.74 -6.81 1.53
N SER B 333 16.77 -5.84 0.62
CA SER B 333 15.88 -4.68 0.74
C SER B 333 14.39 -5.02 0.76
N ASN B 334 13.95 -5.92 -0.12
CA ASN B 334 12.56 -6.34 -0.13
C ASN B 334 12.14 -6.99 1.18
N SER B 335 12.96 -7.91 1.65
CA SER B 335 12.69 -8.60 2.90
C SER B 335 12.62 -7.64 4.06
N MET B 336 13.57 -6.71 4.12
CA MET B 336 13.59 -5.75 5.23
C MET B 336 12.34 -4.89 5.19
N GLY B 337 11.95 -4.48 3.98
CA GLY B 337 10.75 -3.69 3.81
C GLY B 337 9.52 -4.36 4.42
N THR B 338 9.37 -5.65 4.13
CA THR B 338 8.22 -6.39 4.64
C THR B 338 8.36 -6.60 6.16
N SER B 339 9.57 -6.88 6.63
CA SER B 339 9.79 -6.98 8.08
C SER B 339 9.38 -5.71 8.81
N LEU B 340 9.73 -4.55 8.26
CA LEU B 340 9.43 -3.30 8.95
C LEU B 340 7.93 -3.00 8.87
N ILE B 341 7.29 -3.40 7.77
CA ILE B 341 5.85 -3.30 7.69
C ILE B 341 5.19 -4.15 8.78
N LEU B 342 5.70 -5.36 9.00
CA LEU B 342 5.19 -6.17 10.09
C LEU B 342 5.44 -5.51 11.45
N ASP B 343 6.60 -4.91 11.62
CA ASP B 343 6.90 -4.24 12.89
C ASP B 343 5.88 -3.12 13.14
N MET B 344 5.49 -2.42 12.08
CA MET B 344 4.47 -1.39 12.22
C MET B 344 3.10 -1.98 12.54
N LEU B 345 2.73 -3.02 11.80
CA LEU B 345 1.47 -3.73 12.06
C LEU B 345 1.39 -4.16 13.52
N PHE B 346 2.46 -4.78 14.00
CA PHE B 346 2.48 -5.31 15.37
C PHE B 346 2.45 -4.16 16.37
N MET B 347 3.12 -3.06 16.03
CA MET B 347 3.09 -1.90 16.91
C MET B 347 1.67 -1.39 17.07
N SER B 348 0.87 -1.48 16.02
N SER B 348 0.88 -1.51 16.02
CA SER B 348 -0.46 -0.90 16.05
CA SER B 348 -0.45 -0.94 15.98
C SER B 348 -1.50 -1.74 16.83
C SER B 348 -1.50 -1.74 16.78
N PHE B 349 -1.47 -3.06 16.66
CA PHE B 349 -2.56 -3.87 17.24
C PHE B 349 -2.15 -4.97 18.22
N LEU B 350 -0.85 -5.18 18.35
CA LEU B 350 -0.33 -6.11 19.34
C LEU B 350 0.49 -5.31 20.34
N GLU B 351 1.30 -5.97 21.14
CA GLU B 351 2.14 -5.27 22.09
C GLU B 351 3.60 -5.66 21.90
N GLY B 352 3.90 -6.11 20.68
CA GLY B 352 5.22 -6.63 20.38
C GLY B 352 5.89 -5.91 19.23
N SER B 353 6.86 -6.59 18.63
CA SER B 353 7.77 -5.96 17.70
C SER B 353 8.63 -7.06 17.09
N LEU B 354 9.32 -6.75 16.00
CA LEU B 354 10.34 -7.66 15.48
C LEU B 354 11.70 -7.30 16.07
N ARG B 355 12.23 -8.17 16.93
CA ARG B 355 13.51 -7.91 17.59
C ARG B 355 14.72 -8.21 16.71
N THR B 356 15.78 -7.41 16.88
CA THR B 356 17.08 -7.70 16.29
C THR B 356 17.79 -8.77 17.10
N GLU B 357 18.87 -9.31 16.55
CA GLU B 357 19.62 -10.32 17.28
C GLU B 357 20.11 -9.76 18.59
N LYS B 358 20.56 -8.50 18.56
CA LYS B 358 21.08 -7.85 19.76
C LYS B 358 20.01 -7.81 20.85
N GLN B 359 18.79 -7.45 20.45
CA GLN B 359 17.67 -7.42 21.39
C GLN B 359 17.33 -8.82 21.94
N TRP B 360 17.31 -9.82 21.06
CA TRP B 360 17.11 -11.20 21.51
C TRP B 360 18.19 -11.64 22.50
N ALA B 361 19.44 -11.39 22.14
CA ALA B 361 20.56 -11.83 22.98
C ALA B 361 20.49 -11.22 24.38
N LYS B 362 20.08 -9.95 24.46
CA LYS B 362 19.96 -9.28 25.75
C LYS B 362 18.89 -9.94 26.62
N LEU B 363 17.75 -10.26 26.02
CA LEU B 363 16.70 -10.97 26.74
C LEU B 363 17.20 -12.33 27.23
N PHE B 364 17.88 -13.08 26.37
CA PHE B 364 18.39 -14.40 26.77
C PHE B 364 19.35 -14.28 27.94
N ALA B 365 20.25 -13.31 27.89
CA ALA B 365 21.25 -13.15 28.94
C ALA B 365 20.59 -12.78 30.27
N GLU B 366 19.64 -11.83 30.22
CA GLU B 366 18.94 -11.41 31.43
C GLU B 366 18.07 -12.53 32.02
N ALA B 367 17.63 -13.44 31.15
CA ALA B 367 16.83 -14.59 31.59
C ALA B 367 17.69 -15.71 32.14
N GLY B 368 19.00 -15.63 31.94
CA GLY B 368 19.93 -16.60 32.52
C GLY B 368 20.39 -17.69 31.57
N PHE B 369 20.07 -17.55 30.29
CA PHE B 369 20.53 -18.51 29.30
C PHE B 369 21.98 -18.22 28.92
N LYS B 370 22.71 -19.24 28.47
CA LYS B 370 24.15 -19.12 28.29
C LYS B 370 24.65 -19.10 26.83
N ASP B 371 23.82 -19.57 25.92
CA ASP B 371 24.29 -19.82 24.56
C ASP B 371 23.08 -19.89 23.64
N TYR B 372 23.27 -19.52 22.38
CA TYR B 372 22.19 -19.71 21.42
C TYR B 372 22.76 -19.95 20.03
N LYS B 373 21.92 -20.49 19.16
CA LYS B 373 22.29 -20.77 17.79
C LYS B 373 21.13 -20.45 16.86
N ILE B 374 21.41 -19.75 15.77
CA ILE B 374 20.36 -19.36 14.82
C ILE B 374 20.47 -20.15 13.53
N THR B 375 19.37 -20.75 13.10
CA THR B 375 19.31 -21.47 11.83
C THR B 375 18.18 -20.88 10.98
N PRO B 376 18.50 -20.41 9.77
CA PRO B 376 17.48 -19.79 8.92
C PRO B 376 16.42 -20.82 8.50
N VAL B 377 15.16 -20.39 8.39
CA VAL B 377 14.12 -21.28 7.92
C VAL B 377 13.53 -20.73 6.63
N GLY B 378 12.99 -19.51 6.70
CA GLY B 378 12.37 -18.87 5.56
C GLY B 378 11.19 -18.01 5.98
N GLY B 379 10.56 -17.32 5.03
CA GLY B 379 9.40 -16.51 5.36
C GLY B 379 9.74 -15.41 6.36
N LEU B 380 10.96 -14.86 6.22
CA LEU B 380 11.46 -13.79 7.08
C LEU B 380 11.82 -14.26 8.49
N ARG B 381 11.81 -15.56 8.71
CA ARG B 381 11.96 -16.10 10.06
C ARG B 381 13.05 -17.15 10.18
N VAL B 382 13.49 -17.38 11.42
CA VAL B 382 14.56 -18.30 11.72
C VAL B 382 14.19 -19.14 12.93
N LEU B 383 15.01 -20.14 13.22
CA LEU B 383 14.92 -20.87 14.47
C LEU B 383 16.06 -20.40 15.37
N ILE B 384 15.72 -20.02 16.60
CA ILE B 384 16.75 -19.78 17.60
C ILE B 384 16.70 -20.89 18.63
N GLU B 385 17.79 -21.65 18.77
CA GLU B 385 17.91 -22.59 19.87
C GLU B 385 18.64 -21.88 21.00
N VAL B 386 18.08 -21.94 22.21
CA VAL B 386 18.68 -21.24 23.35
C VAL B 386 18.95 -22.20 24.49
N TYR B 387 20.20 -22.25 24.95
CA TYR B 387 20.62 -23.22 25.97
CA TYR B 387 20.60 -23.22 25.97
C TYR B 387 20.82 -22.55 27.33
N PRO B 388 20.24 -23.14 28.37
CA PRO B 388 20.37 -22.62 29.73
C PRO B 388 21.68 -23.02 30.38
#